data_3EGI
#
_entry.id   3EGI
#
_cell.length_a   213.893
_cell.length_b   213.893
_cell.length_c   62.415
_cell.angle_alpha   90.00
_cell.angle_beta   90.00
_cell.angle_gamma   90.00
#
_symmetry.space_group_name_H-M   'P 43 21 2'
#
loop_
_entity.id
_entity.type
_entity.pdbx_description
1 polymer 'Trimethylguanosine synthase homolog'
2 non-polymer "ADENOSINE-5'-DIPHOSPHATE"
3 water water
#
_entity_poly.entity_id   1
_entity_poly.type   'polypeptide(L)'
_entity_poly.pdbx_seq_one_letter_code
;GPLGSRLFSRFDDGIKLDREGWFSVTPEKIAEHIAGRVSQSFKCDVVVDAFCGVGGNTIQFALTG(MSE)RVIAIDIDPV
KIALARNNAEVYGIADKIEFICGDFLLLASFLKADVVFLSPPWGGPDYATAETFDIRT(MSE)(MSE)SPDGFEIFRLSK
KITNNIVYFLPRNADIDQVASLAGPGGQVEIEQNFLNNKLKTITAYFGDLIRRPASET
;
_entity_poly.pdbx_strand_id   A,B,C,D
#
# COMPACT_ATOMS: atom_id res chain seq x y z
N PRO A 2 -16.90 27.77 -31.39
CA PRO A 2 -16.07 26.71 -31.98
C PRO A 2 -15.21 27.27 -33.11
N LEU A 3 -13.87 27.14 -32.98
CA LEU A 3 -12.94 27.62 -34.00
C LEU A 3 -11.69 26.74 -34.07
N GLY A 4 -11.31 26.35 -35.28
CA GLY A 4 -10.21 25.43 -35.50
C GLY A 4 -10.63 24.16 -36.23
N SER A 5 -9.65 23.31 -36.49
CA SER A 5 -9.82 22.11 -37.32
C SER A 5 -10.21 20.85 -36.50
N ARG A 6 -11.08 20.04 -37.08
CA ARG A 6 -11.48 18.75 -36.51
C ARG A 6 -11.35 17.65 -37.55
N LEU A 7 -10.50 16.66 -37.28
CA LEU A 7 -10.37 15.51 -38.17
C LEU A 7 -11.18 14.33 -37.65
N PHE A 8 -11.97 13.71 -38.53
CA PHE A 8 -12.77 12.55 -38.19
C PHE A 8 -12.17 11.32 -38.84
N SER A 9 -11.90 10.31 -38.02
CA SER A 9 -11.34 9.05 -38.48
C SER A 9 -12.12 7.92 -37.85
N ARG A 10 -11.74 6.68 -38.17
CA ARG A 10 -12.52 5.53 -37.77
C ARG A 10 -11.62 4.36 -37.40
N PHE A 11 -12.00 3.66 -36.33
CA PHE A 11 -11.38 2.38 -36.00
C PHE A 11 -12.47 1.36 -35.76
N ASP A 12 -12.30 0.19 -36.34
CA ASP A 12 -13.24 -0.90 -36.14
C ASP A 12 -12.75 -1.88 -35.09
N ASP A 13 -13.51 -1.99 -34.02
CA ASP A 13 -13.32 -3.03 -33.02
C ASP A 13 -13.84 -4.34 -33.61
N GLY A 14 -13.61 -5.45 -32.91
CA GLY A 14 -14.07 -6.77 -33.36
C GLY A 14 -13.92 -7.88 -32.33
N ILE A 15 -14.60 -8.99 -32.58
CA ILE A 15 -14.46 -10.17 -31.73
C ILE A 15 -13.02 -10.67 -31.75
N LYS A 16 -12.58 -11.19 -30.61
CA LYS A 16 -11.31 -11.89 -30.57
C LYS A 16 -11.53 -13.28 -29.99
N LEU A 17 -10.67 -14.21 -30.37
CA LEU A 17 -10.68 -15.54 -29.84
C LEU A 17 -9.84 -15.55 -28.55
N ASP A 18 -10.51 -15.54 -27.41
CA ASP A 18 -9.78 -15.50 -26.13
C ASP A 18 -9.24 -16.87 -25.71
N ARG A 19 -8.38 -16.87 -24.70
CA ARG A 19 -7.74 -18.11 -24.24
C ARG A 19 -8.69 -19.04 -23.46
N GLU A 20 -9.91 -18.59 -23.22
CA GLU A 20 -10.94 -19.43 -22.60
C GLU A 20 -11.79 -20.18 -23.64
N GLY A 21 -11.49 -19.94 -24.92
CA GLY A 21 -12.23 -20.54 -26.03
C GLY A 21 -13.56 -19.89 -26.35
N TRP A 22 -13.72 -18.62 -25.95
CA TRP A 22 -14.89 -17.83 -26.33
C TRP A 22 -14.50 -16.80 -27.39
N PHE A 23 -15.45 -16.47 -28.27
CA PHE A 23 -15.34 -15.31 -29.15
C PHE A 23 -15.91 -14.12 -28.41
N SER A 24 -15.06 -13.15 -28.08
CA SER A 24 -15.54 -12.03 -27.29
C SER A 24 -14.97 -10.67 -27.68
N VAL A 25 -15.70 -9.63 -27.27
CA VAL A 25 -15.26 -8.24 -27.41
C VAL A 25 -14.66 -7.78 -26.07
N THR A 26 -13.47 -7.20 -26.13
CA THR A 26 -12.80 -6.68 -24.93
C THR A 26 -12.13 -5.35 -25.26
N PRO A 27 -11.76 -4.57 -24.23
CA PRO A 27 -11.05 -3.29 -24.45
C PRO A 27 -9.67 -3.40 -25.12
N GLU A 28 -9.13 -4.61 -25.22
CA GLU A 28 -7.73 -4.84 -25.66
C GLU A 28 -7.40 -4.34 -27.08
N LYS A 29 -8.27 -4.64 -28.04
CA LYS A 29 -8.04 -4.27 -29.45
C LYS A 29 -7.89 -2.75 -29.66
N ILE A 30 -8.81 -1.98 -29.08
CA ILE A 30 -8.72 -0.51 -29.10
C ILE A 30 -7.48 0.02 -28.35
N ALA A 31 -7.26 -0.53 -27.15
CA ALA A 31 -6.09 -0.18 -26.34
C ALA A 31 -4.76 -0.44 -27.08
N GLU A 32 -4.70 -1.56 -27.78
CA GLU A 32 -3.54 -1.92 -28.61
CA GLU A 32 -3.58 -1.96 -28.64
C GLU A 32 -3.38 -0.95 -29.79
N HIS A 33 -4.48 -0.60 -30.43
CA HIS A 33 -4.49 0.35 -31.52
C HIS A 33 -3.99 1.72 -31.07
N ILE A 34 -4.51 2.19 -29.93
CA ILE A 34 -4.11 3.50 -29.39
C ILE A 34 -2.60 3.50 -29.07
N ALA A 35 -2.12 2.42 -28.45
CA ALA A 35 -0.71 2.29 -28.10
C ALA A 35 0.22 2.28 -29.32
N GLY A 36 -0.19 1.56 -30.37
CA GLY A 36 0.52 1.53 -31.65
C GLY A 36 0.68 2.92 -32.28
N ARG A 37 -0.44 3.63 -32.41
CA ARG A 37 -0.46 5.01 -32.94
C ARG A 37 0.43 5.96 -32.15
N VAL A 38 0.22 5.98 -30.83
CA VAL A 38 0.96 6.87 -29.93
C VAL A 38 2.47 6.62 -30.00
N SER A 39 2.87 5.34 -29.97
CA SER A 39 4.28 4.98 -29.94
C SER A 39 5.01 5.33 -31.24
N GLN A 40 4.28 5.46 -32.34
CA GLN A 40 4.85 5.84 -33.64
CA GLN A 40 4.92 5.84 -33.59
C GLN A 40 4.95 7.36 -33.80
N SER A 41 4.28 8.10 -32.92
CA SER A 41 4.28 9.56 -33.02
C SER A 41 5.64 10.18 -32.68
N PHE A 42 5.79 11.44 -33.08
CA PHE A 42 7.05 12.16 -33.03
C PHE A 42 7.54 12.33 -31.58
N LYS A 43 8.68 11.70 -31.28
CA LYS A 43 9.35 11.79 -29.98
C LYS A 43 8.49 11.38 -28.79
N CYS A 44 7.71 10.33 -28.96
CA CYS A 44 6.78 9.87 -27.93
C CYS A 44 7.28 8.60 -27.25
N ASP A 45 8.06 8.79 -26.20
CA ASP A 45 8.73 7.68 -25.53
C ASP A 45 8.18 7.37 -24.12
N VAL A 46 7.59 8.38 -23.48
CA VAL A 46 7.07 8.27 -22.11
C VAL A 46 5.62 8.75 -22.10
N VAL A 47 4.74 7.96 -21.50
CA VAL A 47 3.32 8.27 -21.40
C VAL A 47 2.85 8.19 -19.92
N VAL A 48 2.05 9.17 -19.50
CA VAL A 48 1.31 9.09 -18.26
C VAL A 48 -0.06 8.46 -18.56
N ASP A 49 -0.32 7.32 -17.91
CA ASP A 49 -1.65 6.75 -17.91
C ASP A 49 -2.27 7.21 -16.61
N ALA A 50 -3.11 8.24 -16.73
CA ALA A 50 -3.54 9.09 -15.62
C ALA A 50 -4.54 8.45 -14.67
N PHE A 51 -5.39 7.57 -15.22
CA PHE A 51 -6.39 6.80 -14.49
C PHE A 51 -6.23 5.37 -14.96
N CYS A 52 -5.16 4.71 -14.52
CA CYS A 52 -4.75 3.45 -15.12
C CYS A 52 -5.64 2.25 -14.81
N GLY A 53 -6.38 2.29 -13.70
CA GLY A 53 -7.26 1.19 -13.31
C GLY A 53 -6.47 -0.11 -13.17
N VAL A 54 -6.98 -1.19 -13.75
CA VAL A 54 -6.30 -2.50 -13.71
C VAL A 54 -5.15 -2.58 -14.71
N GLY A 55 -4.90 -1.49 -15.42
CA GLY A 55 -3.68 -1.36 -16.21
C GLY A 55 -3.75 -1.88 -17.63
N GLY A 56 -4.97 -1.97 -18.17
CA GLY A 56 -5.18 -2.43 -19.54
C GLY A 56 -4.45 -1.62 -20.59
N ASN A 57 -4.56 -0.30 -20.52
CA ASN A 57 -3.87 0.58 -21.47
C ASN A 57 -2.38 0.70 -21.18
N THR A 58 -2.06 0.73 -19.90
CA THR A 58 -0.68 0.70 -19.42
C THR A 58 0.10 -0.48 -20.00
N ILE A 59 -0.47 -1.70 -19.94
CA ILE A 59 0.17 -2.88 -20.53
C ILE A 59 0.40 -2.67 -22.04
N GLN A 60 -0.63 -2.24 -22.78
CA GLN A 60 -0.48 -1.99 -24.21
C GLN A 60 0.59 -0.93 -24.53
N PHE A 61 0.65 0.17 -23.78
CA PHE A 61 1.72 1.14 -23.99
C PHE A 61 3.12 0.53 -23.75
N ALA A 62 3.25 -0.20 -22.64
CA ALA A 62 4.55 -0.81 -22.26
C ALA A 62 5.02 -1.85 -23.28
N LEU A 63 4.07 -2.64 -23.80
CA LEU A 63 4.30 -3.64 -24.85
C LEU A 63 4.91 -3.09 -26.15
N THR A 64 4.73 -1.79 -26.43
CA THR A 64 5.37 -1.14 -27.58
C THR A 64 6.80 -0.63 -27.29
N GLY A 65 7.22 -0.65 -26.03
CA GLY A 65 8.56 -0.21 -25.67
C GLY A 65 8.59 1.12 -24.95
N ARG A 67 8.04 3.86 -21.92
CA ARG A 67 7.99 3.89 -20.47
C ARG A 67 6.67 4.50 -20.05
N VAL A 68 6.10 3.99 -18.97
CA VAL A 68 4.77 4.38 -18.52
C VAL A 68 4.80 4.82 -17.07
N ILE A 69 4.19 5.98 -16.80
CA ILE A 69 3.87 6.38 -15.43
C ILE A 69 2.38 6.12 -15.27
N ALA A 70 2.06 5.07 -14.50
CA ALA A 70 0.67 4.61 -14.30
C ALA A 70 0.15 5.09 -12.97
N ILE A 71 -0.92 5.87 -13.02
CA ILE A 71 -1.44 6.51 -11.83
C ILE A 71 -2.87 6.08 -11.57
N ASP A 72 -3.13 5.64 -10.33
CA ASP A 72 -4.51 5.44 -9.87
C ASP A 72 -4.62 5.78 -8.37
N ILE A 73 -5.72 6.43 -8.02
CA ILE A 73 -5.99 6.87 -6.65
C ILE A 73 -6.34 5.67 -5.75
N ASP A 74 -6.66 4.53 -6.36
CA ASP A 74 -7.09 3.32 -5.68
C ASP A 74 -5.94 2.31 -5.62
N PRO A 75 -5.44 1.99 -4.39
CA PRO A 75 -4.30 1.09 -4.21
C PRO A 75 -4.59 -0.37 -4.57
N VAL A 76 -5.87 -0.74 -4.50
CA VAL A 76 -6.33 -2.05 -4.94
C VAL A 76 -6.16 -2.19 -6.45
N LYS A 77 -6.47 -1.14 -7.21
CA LYS A 77 -6.25 -1.11 -8.66
C LYS A 77 -4.76 -1.16 -9.01
N ILE A 78 -3.94 -0.44 -8.25
CA ILE A 78 -2.50 -0.37 -8.50
C ILE A 78 -1.89 -1.76 -8.35
N ALA A 79 -2.26 -2.42 -7.25
CA ALA A 79 -1.81 -3.78 -6.94
C ALA A 79 -2.13 -4.75 -8.08
N LEU A 80 -3.39 -4.72 -8.53
CA LEU A 80 -3.84 -5.56 -9.65
C LEU A 80 -3.09 -5.25 -10.94
N ALA A 81 -2.92 -3.95 -11.21
CA ALA A 81 -2.21 -3.48 -12.40
C ALA A 81 -0.76 -3.93 -12.36
N ARG A 82 -0.14 -3.78 -11.20
CA ARG A 82 1.23 -4.23 -10.96
C ARG A 82 1.41 -5.73 -11.25
N ASN A 83 0.51 -6.55 -10.71
CA ASN A 83 0.55 -8.00 -10.91
C ASN A 83 0.31 -8.38 -12.35
N ASN A 84 -0.60 -7.63 -12.99
CA ASN A 84 -0.92 -7.82 -14.41
C ASN A 84 0.32 -7.61 -15.30
N ALA A 85 1.04 -6.51 -15.05
CA ALA A 85 2.27 -6.15 -15.76
C ALA A 85 3.39 -7.15 -15.54
N GLU A 86 3.48 -7.66 -14.30
CA GLU A 86 4.51 -8.61 -13.91
C GLU A 86 4.50 -9.86 -14.78
N VAL A 87 3.31 -10.43 -14.96
CA VAL A 87 3.08 -11.60 -15.82
C VAL A 87 3.37 -11.36 -17.31
N TYR A 88 3.14 -10.14 -17.78
CA TYR A 88 3.43 -9.78 -19.17
C TYR A 88 4.93 -9.56 -19.43
N GLY A 89 5.72 -9.54 -18.36
CA GLY A 89 7.17 -9.36 -18.45
C GLY A 89 7.64 -7.96 -18.81
N ILE A 90 6.80 -6.97 -18.55
CA ILE A 90 7.12 -5.57 -18.85
C ILE A 90 6.98 -4.62 -17.66
N ALA A 91 6.94 -5.15 -16.44
CA ALA A 91 6.85 -4.31 -15.23
C ALA A 91 7.96 -3.28 -15.09
N ASP A 92 9.16 -3.58 -15.59
CA ASP A 92 10.29 -2.62 -15.55
C ASP A 92 10.12 -1.40 -16.47
N LYS A 93 9.13 -1.47 -17.36
CA LYS A 93 8.80 -0.32 -18.21
C LYS A 93 7.86 0.64 -17.50
N ILE A 94 7.29 0.20 -16.37
CA ILE A 94 6.25 0.97 -15.70
C ILE A 94 6.63 1.43 -14.29
N GLU A 95 6.35 2.70 -13.97
CA GLU A 95 6.32 3.19 -12.61
C GLU A 95 4.87 3.44 -12.17
N PHE A 96 4.42 2.69 -11.16
CA PHE A 96 3.09 2.84 -10.61
C PHE A 96 3.07 3.85 -9.47
N ILE A 97 2.16 4.82 -9.54
CA ILE A 97 1.99 5.75 -8.43
C ILE A 97 0.55 5.77 -7.95
N CYS A 98 0.36 5.45 -6.67
CA CYS A 98 -0.96 5.52 -6.10
C CYS A 98 -1.22 6.93 -5.55
N GLY A 99 -2.12 7.65 -6.19
CA GLY A 99 -2.42 9.03 -5.83
C GLY A 99 -3.38 9.68 -6.80
N ASP A 100 -3.76 10.91 -6.48
CA ASP A 100 -4.69 11.69 -7.27
C ASP A 100 -3.91 12.33 -8.44
N PHE A 101 -4.31 12.00 -9.67
CA PHE A 101 -3.68 12.56 -10.87
C PHE A 101 -3.66 14.10 -10.85
N LEU A 102 -4.70 14.74 -10.34
CA LEU A 102 -4.76 16.20 -10.33
C LEU A 102 -3.70 16.83 -9.40
N LEU A 103 -3.29 16.08 -8.38
CA LEU A 103 -2.26 16.54 -7.46
C LEU A 103 -0.85 16.15 -7.90
N LEU A 104 -0.75 15.16 -8.77
CA LEU A 104 0.54 14.69 -9.24
C LEU A 104 1.02 15.36 -10.53
N ALA A 105 0.06 15.78 -11.36
CA ALA A 105 0.33 16.21 -12.74
C ALA A 105 1.36 17.32 -12.85
N SER A 106 1.29 18.30 -11.95
CA SER A 106 2.26 19.42 -11.98
C SER A 106 3.74 19.03 -11.76
N PHE A 107 3.98 17.78 -11.39
CA PHE A 107 5.32 17.37 -10.97
C PHE A 107 5.89 16.31 -11.89
N LEU A 108 5.18 16.03 -12.97
CA LEU A 108 5.59 14.97 -13.89
C LEU A 108 6.25 15.49 -15.17
N LYS A 109 7.07 14.62 -15.76
CA LYS A 109 7.69 14.82 -17.07
C LYS A 109 7.36 13.62 -17.96
N ALA A 110 6.66 13.87 -19.06
CA ALA A 110 6.35 12.83 -20.07
C ALA A 110 6.07 13.44 -21.46
N ASP A 111 6.02 12.60 -22.47
CA ASP A 111 5.79 13.05 -23.85
C ASP A 111 4.31 13.05 -24.22
N VAL A 112 3.56 12.18 -23.56
CA VAL A 112 2.15 11.89 -23.87
C VAL A 112 1.37 11.70 -22.56
N VAL A 113 0.13 12.21 -22.50
CA VAL A 113 -0.79 11.86 -21.43
C VAL A 113 -2.01 11.13 -22.03
N PHE A 114 -2.33 9.97 -21.47
CA PHE A 114 -3.53 9.22 -21.86
C PHE A 114 -4.59 9.30 -20.78
N LEU A 115 -5.76 9.79 -21.18
CA LEU A 115 -6.86 10.07 -20.26
C LEU A 115 -8.06 9.18 -20.55
N SER A 116 -8.39 8.34 -19.58
CA SER A 116 -9.63 7.58 -19.59
C SER A 116 -10.27 7.73 -18.21
N PRO A 117 -10.84 8.91 -17.92
CA PRO A 117 -11.30 9.21 -16.57
C PRO A 117 -12.63 8.53 -16.25
N PRO A 118 -13.04 8.54 -14.96
CA PRO A 118 -14.38 8.09 -14.56
C PRO A 118 -15.50 8.82 -15.32
N TRP A 119 -16.29 8.08 -16.09
CA TRP A 119 -17.49 8.65 -16.75
C TRP A 119 -18.65 8.56 -15.76
N ALA A 125 -24.93 10.87 -15.79
CA ALA A 125 -26.28 10.55 -16.24
C ALA A 125 -26.29 9.72 -17.54
N THR A 126 -27.44 9.12 -17.86
CA THR A 126 -27.67 8.58 -19.20
C THR A 126 -28.55 9.55 -19.98
N ALA A 127 -27.88 10.50 -20.65
CA ALA A 127 -28.54 11.57 -21.38
C ALA A 127 -28.06 11.59 -22.85
N GLU A 128 -28.70 12.44 -23.66
CA GLU A 128 -28.43 12.52 -25.10
C GLU A 128 -27.02 13.00 -25.44
N THR A 129 -26.52 13.98 -24.69
CA THR A 129 -25.16 14.51 -24.87
C THR A 129 -24.37 14.44 -23.57
N PHE A 130 -23.14 13.94 -23.65
CA PHE A 130 -22.27 13.82 -22.50
C PHE A 130 -21.50 15.12 -22.32
N ASP A 131 -21.70 15.76 -21.16
CA ASP A 131 -20.99 16.98 -20.79
C ASP A 131 -19.75 16.58 -19.98
N ILE A 132 -18.58 16.88 -20.55
CA ILE A 132 -17.32 16.47 -19.94
CA ILE A 132 -17.29 16.52 -19.98
C ILE A 132 -16.97 17.27 -18.68
N ARG A 133 -17.51 18.48 -18.57
CA ARG A 133 -17.31 19.32 -17.41
C ARG A 133 -18.11 18.81 -16.19
N THR A 134 -19.41 18.57 -16.41
CA THR A 134 -20.32 18.23 -15.31
C THR A 134 -20.50 16.73 -15.05
N SER A 137 -16.14 13.08 -13.17
CA SER A 137 -15.53 13.42 -11.89
C SER A 137 -14.18 12.72 -11.79
N PRO A 138 -13.08 13.49 -11.77
CA PRO A 138 -13.13 14.96 -11.71
C PRO A 138 -13.48 15.61 -13.06
N ASP A 139 -13.78 16.92 -12.98
CA ASP A 139 -14.05 17.80 -14.13
C ASP A 139 -13.09 17.57 -15.28
N GLY A 140 -13.64 17.23 -16.45
CA GLY A 140 -12.85 16.89 -17.63
C GLY A 140 -12.01 17.96 -18.27
N PHE A 141 -12.44 19.22 -18.12
CA PHE A 141 -11.63 20.40 -18.50
C PHE A 141 -10.45 20.61 -17.54
N GLU A 142 -10.70 20.42 -16.24
CA GLU A 142 -9.65 20.49 -15.21
C GLU A 142 -8.59 19.39 -15.43
N ILE A 143 -9.05 18.17 -15.75
CA ILE A 143 -8.16 17.05 -16.07
C ILE A 143 -7.28 17.38 -17.26
N PHE A 144 -7.88 17.91 -18.31
CA PHE A 144 -7.13 18.34 -19.50
C PHE A 144 -6.13 19.45 -19.19
N ARG A 145 -6.55 20.46 -18.43
CA ARG A 145 -5.70 21.60 -18.06
C ARG A 145 -4.41 21.16 -17.34
N LEU A 146 -4.55 20.24 -16.39
CA LEU A 146 -3.41 19.65 -15.70
C LEU A 146 -2.53 18.80 -16.58
N SER A 147 -3.15 18.08 -17.53
CA SER A 147 -2.42 17.31 -18.54
C SER A 147 -1.59 18.21 -19.45
N LYS A 148 -2.14 19.39 -19.76
CA LYS A 148 -1.44 20.40 -20.57
C LYS A 148 -0.14 20.93 -19.95
N LYS A 149 -0.07 20.98 -18.63
CA LYS A 149 1.19 21.31 -17.93
C LYS A 149 2.33 20.37 -18.28
N ILE A 150 1.98 19.14 -18.63
CA ILE A 150 2.96 18.11 -18.96
C ILE A 150 3.33 18.15 -20.44
N THR A 151 2.32 18.25 -21.30
CA THR A 151 2.51 18.05 -22.74
C THR A 151 1.27 18.46 -23.53
N ASN A 152 1.46 18.71 -24.82
CA ASN A 152 0.36 18.96 -25.76
C ASN A 152 -0.20 17.66 -26.36
N ASN A 153 0.61 16.59 -26.31
CA ASN A 153 0.24 15.27 -26.83
C ASN A 153 -0.67 14.49 -25.87
N ILE A 154 -1.97 14.62 -26.08
CA ILE A 154 -2.98 14.10 -25.15
C ILE A 154 -4.01 13.24 -25.88
N VAL A 155 -4.30 12.08 -25.30
CA VAL A 155 -5.35 11.21 -25.80
C VAL A 155 -6.49 11.23 -24.81
N TYR A 156 -7.71 11.40 -25.31
CA TYR A 156 -8.88 11.43 -24.45
C TYR A 156 -9.84 10.34 -24.91
N PHE A 157 -10.09 9.36 -24.04
CA PHE A 157 -11.02 8.27 -24.35
C PHE A 157 -12.36 8.64 -23.76
N LEU A 158 -13.37 8.69 -24.62
CA LEU A 158 -14.66 9.30 -24.31
C LEU A 158 -15.88 8.51 -24.82
N PRO A 159 -17.06 8.71 -24.19
CA PRO A 159 -18.26 7.97 -24.63
C PRO A 159 -18.75 8.43 -26.00
N ARG A 160 -19.55 7.60 -26.67
CA ARG A 160 -20.03 7.88 -28.04
C ARG A 160 -20.75 9.24 -28.14
N ASN A 161 -21.47 9.59 -27.07
CA ASN A 161 -22.27 10.82 -27.05
C ASN A 161 -21.55 12.07 -26.55
N ALA A 162 -20.22 12.02 -26.50
CA ALA A 162 -19.44 13.16 -26.04
C ALA A 162 -19.64 14.39 -26.91
N ASP A 163 -19.75 15.56 -26.27
CA ASP A 163 -19.95 16.86 -26.91
C ASP A 163 -18.69 17.24 -27.69
N ILE A 164 -18.78 17.17 -29.02
CA ILE A 164 -17.61 17.37 -29.88
C ILE A 164 -17.17 18.82 -29.88
N ASP A 165 -18.10 19.75 -29.65
CA ASP A 165 -17.78 21.16 -29.50
C ASP A 165 -16.89 21.37 -28.26
N GLN A 166 -17.30 20.79 -27.14
CA GLN A 166 -16.48 20.77 -25.92
C GLN A 166 -15.10 20.16 -26.15
N VAL A 167 -15.09 18.94 -26.69
CA VAL A 167 -13.86 18.20 -26.93
C VAL A 167 -12.91 19.01 -27.79
N ALA A 168 -13.44 19.58 -28.88
CA ALA A 168 -12.64 20.41 -29.77
C ALA A 168 -12.20 21.72 -29.11
N SER A 169 -13.00 22.27 -28.21
CA SER A 169 -12.61 23.48 -27.47
C SER A 169 -11.37 23.27 -26.56
N LEU A 170 -11.11 22.01 -26.17
CA LEU A 170 -9.90 21.65 -25.43
C LEU A 170 -8.62 21.99 -26.19
N ALA A 171 -8.69 21.93 -27.52
CA ALA A 171 -7.54 22.28 -28.36
C ALA A 171 -7.28 23.80 -28.36
N GLY A 172 -8.24 24.56 -27.84
CA GLY A 172 -8.17 26.03 -27.83
C GLY A 172 -8.66 26.64 -29.14
N PRO A 173 -8.88 27.98 -29.15
CA PRO A 173 -9.31 28.69 -30.37
C PRO A 173 -8.24 28.59 -31.44
N GLY A 174 -8.63 28.13 -32.63
CA GLY A 174 -7.68 27.88 -33.72
C GLY A 174 -6.90 26.58 -33.65
N GLY A 175 -7.23 25.74 -32.67
CA GLY A 175 -6.52 24.48 -32.48
C GLY A 175 -7.08 23.26 -33.20
N GLN A 176 -6.21 22.27 -33.38
CA GLN A 176 -6.51 20.98 -34.02
C GLN A 176 -6.90 19.86 -33.05
N VAL A 177 -7.91 19.07 -33.43
CA VAL A 177 -8.26 17.82 -32.76
C VAL A 177 -8.57 16.74 -33.80
N GLU A 178 -8.30 15.48 -33.45
CA GLU A 178 -8.78 14.34 -34.22
C GLU A 178 -9.75 13.54 -33.38
N ILE A 179 -10.91 13.26 -33.96
CA ILE A 179 -11.95 12.44 -33.33
C ILE A 179 -11.97 11.08 -34.05
N GLU A 180 -11.37 10.09 -33.41
CA GLU A 180 -11.33 8.74 -33.95
C GLU A 180 -12.50 7.97 -33.40
N GLN A 181 -13.44 7.62 -34.28
CA GLN A 181 -14.67 6.96 -33.85
C GLN A 181 -14.47 5.45 -33.83
N ASN A 182 -14.85 4.83 -32.72
CA ASN A 182 -14.70 3.38 -32.54
C ASN A 182 -16.02 2.66 -32.75
N PHE A 183 -16.06 1.83 -33.79
CA PHE A 183 -17.26 1.08 -34.14
C PHE A 183 -17.11 -0.39 -33.81
N LEU A 184 -18.21 -0.99 -33.39
CA LEU A 184 -18.36 -2.43 -33.32
C LEU A 184 -19.58 -2.81 -34.15
N ASN A 185 -19.37 -3.62 -35.20
CA ASN A 185 -20.43 -4.05 -36.13
C ASN A 185 -21.23 -2.87 -36.65
N ASN A 186 -20.50 -1.83 -37.07
CA ASN A 186 -21.09 -0.59 -37.61
C ASN A 186 -21.93 0.26 -36.65
N LYS A 187 -21.97 -0.08 -35.36
CA LYS A 187 -22.53 0.82 -34.37
C LYS A 187 -21.40 1.54 -33.63
N LEU A 188 -21.52 2.86 -33.47
CA LEU A 188 -20.54 3.66 -32.77
C LEU A 188 -20.57 3.33 -31.29
N LYS A 189 -19.40 3.06 -30.72
CA LYS A 189 -19.32 2.67 -29.31
C LYS A 189 -18.71 3.77 -28.44
N THR A 190 -17.58 4.32 -28.88
CA THR A 190 -16.77 5.27 -28.11
C THR A 190 -15.97 6.13 -29.07
N ILE A 191 -15.41 7.22 -28.57
CA ILE A 191 -14.43 7.95 -29.36
C ILE A 191 -13.09 8.11 -28.62
N THR A 192 -12.04 8.26 -29.42
CA THR A 192 -10.70 8.53 -28.95
C THR A 192 -10.28 9.83 -29.61
N ALA A 193 -10.14 10.89 -28.82
CA ALA A 193 -9.69 12.19 -29.30
C ALA A 193 -8.19 12.33 -29.17
N TYR A 194 -7.54 12.77 -30.23
CA TYR A 194 -6.10 12.99 -30.24
C TYR A 194 -5.81 14.48 -30.36
N PHE A 195 -4.74 14.92 -29.67
CA PHE A 195 -4.31 16.30 -29.61
C PHE A 195 -2.82 16.38 -29.88
N GLY A 196 -2.32 17.57 -30.25
CA GLY A 196 -0.88 17.78 -30.50
C GLY A 196 -0.32 16.96 -31.64
N ASP A 197 0.89 16.41 -31.46
CA ASP A 197 1.56 15.64 -32.51
C ASP A 197 1.00 14.22 -32.72
N LEU A 198 -0.04 13.88 -31.98
CA LEU A 198 -0.67 12.55 -32.08
C LEU A 198 -1.68 12.45 -33.24
N ILE A 199 -2.22 13.60 -33.66
CA ILE A 199 -3.16 13.67 -34.81
C ILE A 199 -2.51 13.10 -36.09
N ARG A 200 -3.31 12.36 -36.85
CA ARG A 200 -2.90 11.79 -38.17
C ARG A 200 -2.21 12.80 -39.11
N ARG A 201 -1.38 12.27 -40.01
CA ARG A 201 -0.67 13.04 -41.05
C ARG A 201 0.57 13.77 -40.52
N PRO B 2 -40.88 -18.02 8.62
CA PRO B 2 -39.57 -18.38 9.14
C PRO B 2 -39.67 -19.49 10.20
N LEU B 3 -38.78 -20.48 10.13
CA LEU B 3 -38.81 -21.60 11.10
C LEU B 3 -37.46 -22.22 11.52
N GLY B 4 -36.37 -21.45 11.47
CA GLY B 4 -35.07 -21.97 11.89
C GLY B 4 -34.21 -21.03 12.71
N SER B 5 -33.23 -21.61 13.41
CA SER B 5 -32.33 -20.83 14.27
C SER B 5 -31.34 -19.96 13.50
N ARG B 6 -31.25 -18.69 13.89
CA ARG B 6 -30.26 -17.77 13.33
C ARG B 6 -29.28 -17.26 14.38
N LEU B 7 -27.98 -17.51 14.13
CA LEU B 7 -26.89 -17.01 14.96
C LEU B 7 -26.47 -15.64 14.47
N PHE B 8 -26.26 -14.70 15.38
CA PHE B 8 -25.74 -13.39 14.99
C PHE B 8 -24.35 -13.21 15.57
N SER B 9 -23.40 -12.82 14.71
CA SER B 9 -22.03 -12.59 15.16
C SER B 9 -21.51 -11.30 14.56
N ARG B 10 -20.28 -10.95 14.91
CA ARG B 10 -19.67 -9.70 14.44
C ARG B 10 -18.25 -9.94 13.94
N PHE B 11 -17.89 -9.24 12.88
CA PHE B 11 -16.50 -9.08 12.51
C PHE B 11 -16.21 -7.60 12.29
N ASP B 12 -15.08 -7.13 12.83
CA ASP B 12 -14.65 -5.74 12.67
C ASP B 12 -13.55 -5.60 11.63
N ASP B 13 -13.88 -4.91 10.55
CA ASP B 13 -12.95 -4.53 9.51
C ASP B 13 -12.13 -3.35 10.04
N GLY B 14 -11.03 -3.01 9.37
CA GLY B 14 -10.19 -1.88 9.79
C GLY B 14 -9.22 -1.44 8.72
N ILE B 15 -8.58 -0.29 8.94
CA ILE B 15 -7.57 0.21 8.01
C ILE B 15 -6.35 -0.70 7.97
N LYS B 16 -5.78 -0.85 6.79
CA LYS B 16 -4.50 -1.51 6.66
C LYS B 16 -3.46 -0.54 6.10
N LEU B 17 -2.19 -0.78 6.41
CA LEU B 17 -1.09 -0.06 5.83
C LEU B 17 -0.73 -0.76 4.51
N ASP B 18 -1.14 -0.18 3.38
CA ASP B 18 -0.86 -0.77 2.06
C ASP B 18 0.58 -0.54 1.59
N ARG B 19 0.98 -1.23 0.53
CA ARG B 19 2.36 -1.12 0.03
C ARG B 19 2.64 0.20 -0.70
N GLU B 20 1.60 1.02 -0.89
CA GLU B 20 1.74 2.36 -1.47
C GLU B 20 1.98 3.41 -0.39
N GLY B 21 1.92 2.99 0.87
CA GLY B 21 2.16 3.89 2.00
C GLY B 21 0.96 4.69 2.44
N TRP B 22 -0.23 4.23 2.08
CA TRP B 22 -1.48 4.83 2.57
C TRP B 22 -2.10 3.91 3.61
N PHE B 23 -2.87 4.51 4.52
CA PHE B 23 -3.78 3.76 5.39
C PHE B 23 -5.13 3.64 4.68
N SER B 24 -5.51 2.42 4.31
CA SER B 24 -6.70 2.18 3.48
C SER B 24 -7.61 1.12 4.05
N VAL B 25 -8.89 1.22 3.69
CA VAL B 25 -9.87 0.16 3.88
C VAL B 25 -10.03 -0.56 2.54
N THR B 26 -9.81 -1.87 2.53
CA THR B 26 -9.91 -2.69 1.32
C THR B 26 -10.69 -3.97 1.65
N PRO B 27 -11.17 -4.71 0.61
CA PRO B 27 -11.86 -6.02 0.79
C PRO B 27 -11.02 -7.12 1.45
N GLU B 28 -9.70 -6.95 1.51
CA GLU B 28 -8.80 -8.05 1.85
C GLU B 28 -9.00 -8.60 3.28
N LYS B 29 -9.19 -7.71 4.24
CA LYS B 29 -9.35 -8.11 5.64
C LYS B 29 -10.50 -9.09 5.86
N ILE B 30 -11.68 -8.75 5.35
CA ILE B 30 -12.84 -9.63 5.40
C ILE B 30 -12.64 -10.93 4.59
N ALA B 31 -12.12 -10.82 3.37
CA ALA B 31 -11.79 -11.99 2.55
C ALA B 31 -10.88 -12.98 3.31
N GLU B 32 -9.83 -12.46 3.93
N GLU B 32 -9.83 -12.44 3.92
CA GLU B 32 -8.91 -13.27 4.73
CA GLU B 32 -8.89 -13.18 4.76
C GLU B 32 -9.63 -13.96 5.89
C GLU B 32 -9.61 -13.92 5.90
N HIS B 33 -10.53 -13.21 6.55
CA HIS B 33 -11.30 -13.74 7.68
C HIS B 33 -12.22 -14.86 7.25
N ILE B 34 -12.94 -14.64 6.14
CA ILE B 34 -13.84 -15.68 5.60
C ILE B 34 -13.06 -16.94 5.23
N ALA B 35 -11.93 -16.75 4.52
CA ALA B 35 -11.10 -17.87 4.11
C ALA B 35 -10.56 -18.67 5.32
N GLY B 36 -10.09 -17.94 6.35
CA GLY B 36 -9.62 -18.56 7.59
C GLY B 36 -10.69 -19.44 8.23
N ARG B 37 -11.89 -18.90 8.39
CA ARG B 37 -13.04 -19.64 8.91
C ARG B 37 -13.36 -20.90 8.11
N VAL B 38 -13.61 -20.71 6.81
CA VAL B 38 -14.00 -21.81 5.91
C VAL B 38 -13.00 -22.97 5.94
N SER B 39 -11.72 -22.66 5.88
CA SER B 39 -10.69 -23.68 5.80
C SER B 39 -10.52 -24.49 7.10
N GLN B 40 -11.05 -23.96 8.21
CA GLN B 40 -11.00 -24.64 9.50
C GLN B 40 -12.26 -25.48 9.76
N SER B 41 -13.31 -25.27 8.95
CA SER B 41 -14.54 -26.05 9.08
C SER B 41 -14.34 -27.51 8.70
N PHE B 42 -15.32 -28.34 9.09
CA PHE B 42 -15.21 -29.81 8.95
C PHE B 42 -15.20 -30.27 7.49
N LYS B 43 -14.10 -30.91 7.10
CA LYS B 43 -13.93 -31.51 5.76
C LYS B 43 -14.01 -30.50 4.60
N CYS B 44 -13.48 -29.30 4.81
CA CYS B 44 -13.58 -28.24 3.80
C CYS B 44 -12.24 -28.01 3.13
N ASP B 45 -12.06 -28.71 2.00
CA ASP B 45 -10.79 -28.70 1.29
C ASP B 45 -10.90 -28.05 -0.10
N VAL B 46 -12.09 -28.10 -0.69
CA VAL B 46 -12.34 -27.57 -2.02
C VAL B 46 -13.48 -26.55 -2.00
N VAL B 47 -13.21 -25.34 -2.48
CA VAL B 47 -14.21 -24.28 -2.54
C VAL B 47 -14.43 -23.79 -3.99
N VAL B 48 -15.70 -23.60 -4.34
CA VAL B 48 -16.09 -22.96 -5.57
C VAL B 48 -16.28 -21.47 -5.27
N ASP B 49 -15.48 -20.63 -5.92
CA ASP B 49 -15.71 -19.20 -5.91
C ASP B 49 -16.52 -18.88 -7.17
N ALA B 50 -17.83 -18.74 -6.96
CA ALA B 50 -18.85 -18.75 -8.01
C ALA B 50 -18.87 -17.51 -8.92
N PHE B 51 -18.49 -16.38 -8.35
CA PHE B 51 -18.42 -15.09 -9.06
C PHE B 51 -17.09 -14.45 -8.67
N CYS B 52 -15.98 -15.06 -9.12
CA CYS B 52 -14.63 -14.73 -8.60
C CYS B 52 -14.13 -13.32 -8.91
N GLY B 53 -14.65 -12.68 -9.95
CA GLY B 53 -14.20 -11.34 -10.32
C GLY B 53 -12.68 -11.31 -10.50
N VAL B 54 -12.03 -10.31 -9.91
CA VAL B 54 -10.56 -10.21 -10.00
C VAL B 54 -9.80 -11.21 -9.11
N GLY B 55 -10.52 -12.02 -8.34
CA GLY B 55 -9.91 -13.13 -7.59
C GLY B 55 -9.52 -12.84 -6.16
N GLY B 56 -9.98 -11.73 -5.61
CA GLY B 56 -9.68 -11.36 -4.20
C GLY B 56 -9.95 -12.49 -3.20
N ASN B 57 -11.16 -13.04 -3.23
CA ASN B 57 -11.50 -14.14 -2.33
C ASN B 57 -10.83 -15.45 -2.74
N THR B 58 -10.76 -15.69 -4.05
CA THR B 58 -10.04 -16.84 -4.58
C THR B 58 -8.62 -16.91 -4.04
N ILE B 59 -7.88 -15.79 -4.07
CA ILE B 59 -6.52 -15.76 -3.53
C ILE B 59 -6.51 -16.16 -2.04
N GLN B 60 -7.42 -15.60 -1.25
CA GLN B 60 -7.47 -15.87 0.20
C GLN B 60 -7.76 -17.33 0.51
N PHE B 61 -8.67 -17.95 -0.25
CA PHE B 61 -8.95 -19.38 -0.08
C PHE B 61 -7.71 -20.22 -0.39
N ALA B 62 -7.07 -19.94 -1.53
CA ALA B 62 -5.89 -20.69 -1.95
C ALA B 62 -4.69 -20.55 -0.98
N LEU B 63 -4.52 -19.36 -0.41
CA LEU B 63 -3.45 -19.11 0.61
C LEU B 63 -3.59 -19.93 1.91
N THR B 64 -4.79 -20.41 2.23
CA THR B 64 -4.99 -21.33 3.35
C THR B 64 -4.71 -22.79 2.98
N GLY B 65 -4.36 -23.04 1.71
CA GLY B 65 -4.08 -24.40 1.25
C GLY B 65 -5.25 -25.10 0.60
N ARG B 67 -8.09 -25.87 -2.27
CA ARG B 67 -8.14 -25.88 -3.73
C ARG B 67 -9.40 -25.14 -4.13
N VAL B 68 -9.30 -24.36 -5.22
CA VAL B 68 -10.37 -23.46 -5.64
C VAL B 68 -10.76 -23.68 -7.09
N ILE B 69 -12.08 -23.74 -7.33
CA ILE B 69 -12.65 -23.67 -8.66
C ILE B 69 -13.23 -22.24 -8.76
N ALA B 70 -12.53 -21.39 -9.51
CA ALA B 70 -12.87 -19.99 -9.64
C ALA B 70 -13.57 -19.73 -10.96
N ILE B 71 -14.80 -19.24 -10.85
CA ILE B 71 -15.67 -19.09 -11.99
C ILE B 71 -16.03 -17.63 -12.21
N ASP B 72 -15.97 -17.18 -13.47
CA ASP B 72 -16.49 -15.87 -13.83
C ASP B 72 -16.88 -15.88 -15.30
N ILE B 73 -18.03 -15.27 -15.59
CA ILE B 73 -18.60 -15.23 -16.94
C ILE B 73 -17.77 -14.32 -17.85
N ASP B 74 -16.94 -13.47 -17.26
CA ASP B 74 -16.18 -12.46 -17.97
C ASP B 74 -14.71 -12.88 -18.12
N PRO B 75 -14.23 -13.09 -19.38
CA PRO B 75 -12.87 -13.56 -19.64
C PRO B 75 -11.75 -12.59 -19.25
N VAL B 76 -12.08 -11.30 -19.23
CA VAL B 76 -11.18 -10.25 -18.78
C VAL B 76 -10.93 -10.38 -17.27
N LYS B 77 -12.00 -10.63 -16.51
CA LYS B 77 -11.88 -10.93 -15.08
C LYS B 77 -11.02 -12.17 -14.82
N ILE B 78 -11.27 -13.24 -15.58
CA ILE B 78 -10.51 -14.50 -15.41
C ILE B 78 -9.00 -14.29 -15.60
N ALA B 79 -8.64 -13.62 -16.70
CA ALA B 79 -7.24 -13.29 -17.02
C ALA B 79 -6.57 -12.52 -15.89
N LEU B 80 -7.27 -11.50 -15.40
CA LEU B 80 -6.80 -10.71 -14.26
C LEU B 80 -6.61 -11.54 -12.98
N ALA B 81 -7.64 -12.31 -12.62
CA ALA B 81 -7.58 -13.24 -11.49
C ALA B 81 -6.41 -14.21 -11.63
N ARG B 82 -6.26 -14.77 -12.83
CA ARG B 82 -5.16 -15.70 -13.15
C ARG B 82 -3.77 -15.06 -12.88
N ASN B 83 -3.57 -13.85 -13.39
CA ASN B 83 -2.31 -13.12 -13.20
C ASN B 83 -2.06 -12.79 -11.74
N ASN B 84 -3.09 -12.28 -11.08
CA ASN B 84 -3.14 -12.02 -9.65
C ASN B 84 -2.70 -13.24 -8.81
N ALA B 85 -3.27 -14.42 -9.09
CA ALA B 85 -2.91 -15.66 -8.40
C ALA B 85 -1.48 -16.09 -8.69
N GLU B 86 -1.06 -15.92 -9.94
CA GLU B 86 0.29 -16.24 -10.37
C GLU B 86 1.35 -15.60 -9.46
N VAL B 87 1.23 -14.30 -9.17
CA VAL B 87 2.25 -13.61 -8.38
C VAL B 87 2.23 -14.00 -6.89
N TYR B 88 1.07 -14.43 -6.41
CA TYR B 88 0.97 -14.91 -5.03
C TYR B 88 1.55 -16.30 -4.85
N GLY B 89 1.98 -16.91 -5.96
CA GLY B 89 2.59 -18.23 -5.98
C GLY B 89 1.66 -19.39 -5.67
N ILE B 90 0.34 -19.19 -5.83
CA ILE B 90 -0.66 -20.24 -5.55
C ILE B 90 -1.62 -20.58 -6.71
N ALA B 91 -1.19 -20.34 -7.94
CA ALA B 91 -2.03 -20.60 -9.13
C ALA B 91 -2.31 -22.09 -9.34
N ASP B 92 -1.39 -22.95 -8.92
CA ASP B 92 -1.56 -24.42 -8.96
C ASP B 92 -2.69 -24.93 -8.06
N LYS B 93 -3.17 -24.09 -7.14
CA LYS B 93 -4.28 -24.47 -6.26
C LYS B 93 -5.64 -24.12 -6.87
N ILE B 94 -5.61 -23.44 -8.01
CA ILE B 94 -6.81 -22.90 -8.61
C ILE B 94 -7.07 -23.39 -10.02
N GLU B 95 -8.29 -23.88 -10.26
CA GLU B 95 -8.80 -24.06 -11.62
C GLU B 95 -9.76 -22.94 -11.97
N PHE B 96 -9.41 -22.14 -12.98
CA PHE B 96 -10.23 -21.03 -13.44
C PHE B 96 -11.14 -21.48 -14.57
N ILE B 97 -12.43 -21.19 -14.49
CA ILE B 97 -13.32 -21.54 -15.58
C ILE B 97 -14.09 -20.31 -15.95
N CYS B 98 -13.99 -19.94 -17.23
CA CYS B 98 -14.79 -18.85 -17.72
C CYS B 98 -16.14 -19.35 -18.21
N GLY B 99 -17.18 -18.99 -17.46
CA GLY B 99 -18.54 -19.34 -17.83
C GLY B 99 -19.55 -18.89 -16.80
N ASP B 100 -20.81 -19.21 -17.08
CA ASP B 100 -21.95 -18.87 -16.27
C ASP B 100 -22.11 -19.86 -15.13
N PHE B 101 -21.91 -19.41 -13.89
CA PHE B 101 -22.04 -20.29 -12.71
C PHE B 101 -23.33 -21.13 -12.72
N LEU B 102 -24.44 -20.54 -13.11
CA LEU B 102 -25.71 -21.29 -13.10
C LEU B 102 -25.68 -22.49 -14.04
N LEU B 103 -24.85 -22.41 -15.09
CA LEU B 103 -24.76 -23.47 -16.10
C LEU B 103 -23.68 -24.50 -15.76
N LEU B 104 -22.76 -24.12 -14.88
CA LEU B 104 -21.68 -24.99 -14.46
C LEU B 104 -21.99 -25.76 -13.17
N ALA B 105 -22.81 -25.16 -12.31
CA ALA B 105 -23.01 -25.63 -10.93
C ALA B 105 -23.40 -27.09 -10.83
N SER B 106 -24.35 -27.51 -11.67
CA SER B 106 -24.83 -28.91 -11.71
C SER B 106 -23.77 -29.97 -12.05
N PHE B 107 -22.54 -29.55 -12.40
CA PHE B 107 -21.51 -30.48 -12.85
C PHE B 107 -20.27 -30.46 -11.98
N LEU B 108 -20.34 -29.76 -10.86
CA LEU B 108 -19.18 -29.55 -9.98
C LEU B 108 -19.24 -30.39 -8.70
N LYS B 109 -18.05 -30.65 -8.15
CA LYS B 109 -17.85 -31.34 -6.90
C LYS B 109 -16.94 -30.49 -6.02
N ALA B 110 -17.46 -30.09 -4.86
CA ALA B 110 -16.70 -29.27 -3.89
C ALA B 110 -17.32 -29.33 -2.49
N ASP B 111 -16.51 -28.98 -1.49
CA ASP B 111 -16.94 -28.94 -0.10
C ASP B 111 -17.66 -27.66 0.28
N VAL B 112 -17.30 -26.56 -0.39
CA VAL B 112 -17.88 -25.23 -0.11
C VAL B 112 -18.18 -24.45 -1.40
N VAL B 113 -19.27 -23.68 -1.39
CA VAL B 113 -19.54 -22.67 -2.40
C VAL B 113 -19.51 -21.28 -1.75
N PHE B 114 -18.62 -20.40 -2.24
CA PHE B 114 -18.58 -19.02 -1.82
C PHE B 114 -19.33 -18.13 -2.83
N LEU B 115 -20.34 -17.41 -2.33
CA LEU B 115 -21.20 -16.60 -3.20
C LEU B 115 -21.04 -15.09 -2.97
N SER B 116 -20.47 -14.40 -3.96
CA SER B 116 -20.44 -12.95 -3.95
C SER B 116 -20.98 -12.37 -5.27
N PRO B 117 -22.29 -12.49 -5.51
CA PRO B 117 -22.91 -12.19 -6.81
C PRO B 117 -23.05 -10.70 -7.09
N PRO B 118 -23.40 -10.33 -8.34
CA PRO B 118 -23.69 -8.93 -8.64
C PRO B 118 -24.90 -8.43 -7.83
N TRP B 119 -24.69 -7.35 -7.07
CA TRP B 119 -25.71 -6.83 -6.12
C TRP B 119 -26.78 -5.97 -6.79
N ALA B 127 -33.13 2.19 -1.95
CA ALA B 127 -33.56 0.86 -1.49
C ALA B 127 -33.42 0.66 0.02
N GLU B 128 -34.56 0.55 0.71
CA GLU B 128 -34.58 0.43 2.16
C GLU B 128 -34.24 -0.99 2.64
N THR B 129 -34.85 -1.99 1.99
CA THR B 129 -34.50 -3.40 2.20
C THR B 129 -34.00 -3.98 0.89
N PHE B 130 -33.05 -4.93 0.99
CA PHE B 130 -32.49 -5.59 -0.20
C PHE B 130 -33.19 -6.91 -0.46
N ASP B 131 -33.79 -7.02 -1.64
CA ASP B 131 -34.49 -8.23 -2.05
C ASP B 131 -33.54 -9.08 -2.90
N ILE B 132 -33.11 -10.21 -2.35
CA ILE B 132 -32.14 -11.06 -3.05
CA ILE B 132 -32.16 -11.11 -3.00
C ILE B 132 -32.71 -11.69 -4.32
N ARG B 133 -34.03 -11.89 -4.36
CA ARG B 133 -34.71 -12.40 -5.55
C ARG B 133 -34.77 -11.36 -6.68
N THR B 134 -35.27 -10.16 -6.40
CA THR B 134 -35.50 -9.16 -7.46
C THR B 134 -34.35 -8.18 -7.72
N SER B 137 -28.80 -10.04 -9.99
CA SER B 137 -28.83 -10.74 -11.26
C SER B 137 -27.58 -11.61 -11.40
N PRO B 138 -27.76 -12.94 -11.49
CA PRO B 138 -29.07 -13.60 -11.52
C PRO B 138 -29.76 -13.68 -10.15
N ASP B 139 -31.06 -13.98 -10.17
CA ASP B 139 -31.89 -14.31 -9.01
C ASP B 139 -31.10 -14.99 -7.89
N GLY B 140 -31.02 -14.33 -6.74
CA GLY B 140 -30.22 -14.82 -5.61
C GLY B 140 -30.69 -16.13 -4.99
N PHE B 141 -31.98 -16.44 -5.18
CA PHE B 141 -32.55 -17.72 -4.75
C PHE B 141 -32.15 -18.86 -5.70
N GLU B 142 -32.05 -18.52 -6.98
CA GLU B 142 -31.64 -19.47 -8.02
C GLU B 142 -30.16 -19.80 -7.87
N ILE B 143 -29.35 -18.77 -7.63
CA ILE B 143 -27.93 -18.93 -7.31
C ILE B 143 -27.73 -19.93 -6.18
N PHE B 144 -28.50 -19.77 -5.12
CA PHE B 144 -28.34 -20.63 -3.94
C PHE B 144 -28.82 -22.06 -4.24
N ARG B 145 -29.93 -22.17 -4.97
CA ARG B 145 -30.47 -23.49 -5.37
C ARG B 145 -29.42 -24.32 -6.12
N LEU B 146 -28.72 -23.67 -7.05
CA LEU B 146 -27.69 -24.33 -7.84
C LEU B 146 -26.49 -24.67 -6.99
N SER B 147 -26.17 -23.81 -6.02
CA SER B 147 -25.07 -24.03 -5.09
C SER B 147 -25.37 -25.24 -4.23
N LYS B 148 -26.65 -25.44 -3.96
CA LYS B 148 -27.14 -26.50 -3.07
C LYS B 148 -26.94 -27.90 -3.67
N LYS B 149 -26.91 -27.97 -5.00
CA LYS B 149 -26.62 -29.21 -5.72
C LYS B 149 -25.22 -29.69 -5.43
N ILE B 150 -24.32 -28.75 -5.13
CA ILE B 150 -22.92 -29.06 -4.88
C ILE B 150 -22.70 -29.44 -3.42
N THR B 151 -23.30 -28.66 -2.52
CA THR B 151 -22.97 -28.72 -1.08
C THR B 151 -23.93 -27.91 -0.21
N ASN B 152 -23.97 -28.25 1.07
CA ASN B 152 -24.73 -27.47 2.07
C ASN B 152 -23.88 -26.34 2.67
N ASN B 153 -22.56 -26.48 2.58
CA ASN B 153 -21.64 -25.49 3.11
C ASN B 153 -21.51 -24.28 2.19
N ILE B 154 -22.37 -23.29 2.39
CA ILE B 154 -22.46 -22.13 1.52
C ILE B 154 -22.19 -20.83 2.30
N VAL B 155 -21.41 -19.92 1.70
CA VAL B 155 -21.18 -18.57 2.24
C VAL B 155 -21.83 -17.57 1.29
N TYR B 156 -22.62 -16.65 1.84
CA TYR B 156 -23.27 -15.64 1.03
C TYR B 156 -22.81 -14.25 1.48
N PHE B 157 -22.14 -13.54 0.59
CA PHE B 157 -21.69 -12.19 0.90
C PHE B 157 -22.74 -11.22 0.38
N LEU B 158 -23.29 -10.45 1.31
CA LEU B 158 -24.54 -9.71 1.12
C LEU B 158 -24.48 -8.28 1.68
N PRO B 159 -25.26 -7.35 1.09
CA PRO B 159 -25.33 -5.97 1.59
C PRO B 159 -25.90 -5.91 3.01
N ARG B 160 -25.59 -4.84 3.74
CA ARG B 160 -26.08 -4.66 5.13
C ARG B 160 -27.61 -4.70 5.26
N ASN B 161 -28.31 -4.19 4.25
CA ASN B 161 -29.77 -4.11 4.25
C ASN B 161 -30.49 -5.35 3.69
N ALA B 162 -29.77 -6.47 3.56
CA ALA B 162 -30.34 -7.71 3.04
C ALA B 162 -31.42 -8.26 3.98
N ASP B 163 -32.49 -8.78 3.37
CA ASP B 163 -33.65 -9.32 4.09
C ASP B 163 -33.28 -10.61 4.82
N ILE B 164 -33.23 -10.55 6.15
CA ILE B 164 -32.77 -11.69 6.96
C ILE B 164 -33.76 -12.85 6.98
N ASP B 165 -35.04 -12.55 6.74
CA ASP B 165 -36.04 -13.61 6.58
C ASP B 165 -35.75 -14.41 5.31
N GLN B 166 -35.57 -13.70 4.19
CA GLN B 166 -35.13 -14.31 2.92
C GLN B 166 -33.86 -15.14 3.09
N VAL B 167 -32.82 -14.53 3.65
CA VAL B 167 -31.53 -15.20 3.83
C VAL B 167 -31.66 -16.47 4.66
N ALA B 168 -32.41 -16.37 5.76
CA ALA B 168 -32.62 -17.53 6.64
C ALA B 168 -33.46 -18.60 5.96
N SER B 169 -34.43 -18.16 5.15
CA SER B 169 -35.32 -19.07 4.39
C SER B 169 -34.56 -19.99 3.42
N LEU B 170 -33.35 -19.58 3.02
CA LEU B 170 -32.41 -20.40 2.25
C LEU B 170 -31.91 -21.65 2.98
N ALA B 171 -31.92 -21.63 4.31
CA ALA B 171 -31.48 -22.79 5.09
C ALA B 171 -32.54 -23.90 5.09
N GLY B 172 -33.72 -23.58 4.59
CA GLY B 172 -34.84 -24.52 4.59
C GLY B 172 -35.48 -24.60 5.96
N PRO B 173 -36.78 -24.94 6.02
CA PRO B 173 -37.40 -25.11 7.33
C PRO B 173 -37.06 -26.48 7.94
N GLY B 174 -36.52 -26.52 9.16
CA GLY B 174 -36.05 -25.35 9.90
C GLY B 174 -34.55 -25.50 10.06
N GLY B 175 -33.81 -24.82 9.19
CA GLY B 175 -32.35 -24.93 9.18
C GLY B 175 -31.68 -23.77 9.86
N GLN B 176 -30.38 -23.93 10.13
CA GLN B 176 -29.59 -22.90 10.77
C GLN B 176 -28.89 -21.97 9.77
N VAL B 177 -28.74 -20.70 10.15
CA VAL B 177 -27.92 -19.72 9.43
C VAL B 177 -27.19 -18.83 10.44
N GLU B 178 -25.91 -18.55 10.17
CA GLU B 178 -25.17 -17.53 10.90
C GLU B 178 -25.13 -16.26 10.08
N ILE B 179 -25.50 -15.15 10.72
CA ILE B 179 -25.40 -13.83 10.10
C ILE B 179 -24.22 -13.09 10.73
N GLU B 180 -23.07 -13.13 10.05
CA GLU B 180 -21.88 -12.43 10.51
C GLU B 180 -21.91 -11.00 9.99
N GLN B 181 -22.02 -10.06 10.92
CA GLN B 181 -22.17 -8.66 10.56
C GLN B 181 -20.80 -7.99 10.52
N ASN B 182 -20.54 -7.26 9.43
CA ASN B 182 -19.24 -6.66 9.21
C ASN B 182 -19.30 -5.17 9.50
N PHE B 183 -18.54 -4.77 10.51
CA PHE B 183 -18.49 -3.36 10.94
C PHE B 183 -17.16 -2.69 10.58
N LEU B 184 -17.26 -1.44 10.14
CA LEU B 184 -16.13 -0.53 10.09
C LEU B 184 -16.47 0.73 10.90
N ASN B 185 -15.57 1.09 11.83
CA ASN B 185 -15.76 2.24 12.75
C ASN B 185 -17.15 2.23 13.43
N ASN B 186 -17.54 1.03 13.87
CA ASN B 186 -18.85 0.77 14.51
C ASN B 186 -20.11 0.96 13.66
N LYS B 187 -19.94 1.23 12.36
CA LYS B 187 -21.03 1.29 11.42
C LYS B 187 -21.14 -0.03 10.62
N LEU B 188 -22.37 -0.53 10.45
CA LEU B 188 -22.59 -1.76 9.70
C LEU B 188 -22.30 -1.53 8.22
N LYS B 189 -21.51 -2.44 7.65
CA LYS B 189 -21.12 -2.33 6.24
C LYS B 189 -21.76 -3.41 5.37
N THR B 190 -21.57 -4.66 5.74
CA THR B 190 -22.02 -5.80 4.96
C THR B 190 -22.31 -6.95 5.91
N ILE B 191 -22.85 -8.02 5.34
CA ILE B 191 -23.16 -9.24 6.07
C ILE B 191 -22.52 -10.43 5.35
N THR B 192 -22.03 -11.38 6.14
CA THR B 192 -21.59 -12.65 5.63
C THR B 192 -22.45 -13.75 6.27
N ALA B 193 -23.36 -14.34 5.47
CA ALA B 193 -24.18 -15.46 5.92
C ALA B 193 -23.50 -16.82 5.70
N TYR B 194 -23.40 -17.59 6.77
CA TYR B 194 -22.85 -18.94 6.73
C TYR B 194 -23.97 -19.99 6.86
N PHE B 195 -23.82 -21.10 6.13
CA PHE B 195 -24.76 -22.23 6.15
C PHE B 195 -23.99 -23.53 6.33
N GLY B 196 -24.72 -24.60 6.67
CA GLY B 196 -24.12 -25.93 6.82
C GLY B 196 -23.15 -26.00 7.98
N ASP B 197 -22.05 -26.73 7.80
CA ASP B 197 -20.97 -26.85 8.81
C ASP B 197 -20.06 -25.62 8.92
N LEU B 198 -20.35 -24.59 8.14
CA LEU B 198 -19.59 -23.33 8.23
C LEU B 198 -19.94 -22.52 9.48
N ILE B 199 -21.16 -22.72 10.00
CA ILE B 199 -21.62 -22.08 11.24
C ILE B 199 -20.78 -22.56 12.41
N ARG B 200 -20.37 -21.64 13.29
CA ARG B 200 -19.67 -22.05 14.52
C ARG B 200 -20.35 -21.53 15.80
N PRO C 2 40.94 17.76 -10.13
CA PRO C 2 39.55 17.92 -10.53
C PRO C 2 39.18 19.40 -10.75
N LEU C 3 39.32 19.85 -11.99
CA LEU C 3 39.23 21.27 -12.35
C LEU C 3 37.91 21.95 -12.02
N GLY C 4 38.00 23.18 -11.53
CA GLY C 4 36.84 23.99 -11.20
C GLY C 4 37.03 24.89 -9.99
N SER C 5 35.97 25.05 -9.22
CA SER C 5 35.92 26.01 -8.12
C SER C 5 35.21 25.40 -6.90
N ARG C 6 35.86 25.45 -5.74
CA ARG C 6 35.28 24.94 -4.49
C ARG C 6 35.18 26.04 -3.43
N LEU C 7 33.96 26.41 -3.08
CA LEU C 7 33.68 27.38 -2.02
C LEU C 7 33.49 26.65 -0.70
N PHE C 8 34.03 27.21 0.39
CA PHE C 8 33.92 26.59 1.70
C PHE C 8 33.26 27.56 2.66
N SER C 9 32.11 27.14 3.19
CA SER C 9 31.37 27.97 4.13
C SER C 9 31.13 27.20 5.42
N ARG C 10 30.56 27.88 6.40
CA ARG C 10 30.32 27.29 7.71
C ARG C 10 28.89 27.50 8.17
N PHE C 11 28.34 26.51 8.85
CA PHE C 11 27.10 26.66 9.61
C PHE C 11 27.27 26.03 10.99
N ASP C 12 26.93 26.79 12.02
CA ASP C 12 27.02 26.29 13.39
C ASP C 12 25.68 25.76 13.86
N ASP C 13 25.64 24.47 14.11
CA ASP C 13 24.44 23.80 14.62
C ASP C 13 24.17 24.20 16.06
N GLY C 14 22.90 24.12 16.47
CA GLY C 14 22.51 24.40 17.86
C GLY C 14 22.81 23.20 18.75
N ILE C 15 23.23 23.48 19.99
CA ILE C 15 23.51 22.40 20.94
C ILE C 15 22.20 21.75 21.43
N LYS C 16 22.18 20.43 21.39
CA LYS C 16 21.00 19.67 21.78
C LYS C 16 21.26 19.01 23.13
N LEU C 17 20.33 19.17 24.06
CA LEU C 17 20.43 18.48 25.36
C LEU C 17 20.32 16.98 25.19
N ASP C 18 20.94 16.23 26.10
CA ASP C 18 20.88 14.78 26.08
C ASP C 18 19.45 14.28 26.05
N ARG C 19 19.24 13.20 25.29
CA ARG C 19 17.95 12.50 25.18
C ARG C 19 16.96 13.14 24.18
N GLU C 20 17.30 14.34 23.69
CA GLU C 20 16.54 14.93 22.57
C GLU C 20 16.89 14.23 21.26
N GLY C 21 15.87 13.97 20.43
CA GLY C 21 16.07 13.32 19.15
C GLY C 21 15.29 14.01 18.05
N TRP C 22 15.65 13.71 16.80
CA TRP C 22 14.95 14.26 15.63
C TRP C 22 14.67 13.16 14.59
N PHE C 23 13.68 13.42 13.73
CA PHE C 23 13.24 12.50 12.67
C PHE C 23 14.30 12.12 11.66
N SER C 24 15.26 13.01 11.43
CA SER C 24 16.24 12.82 10.37
C SER C 24 17.65 12.83 10.92
N VAL C 25 18.58 12.16 10.22
CA VAL C 25 20.02 12.28 10.52
C VAL C 25 20.53 13.70 10.27
N THR C 26 19.85 14.43 9.38
CA THR C 26 20.06 15.85 9.18
C THR C 26 19.37 16.59 10.34
N PRO C 27 20.15 17.26 11.23
CA PRO C 27 19.54 17.95 12.36
C PRO C 27 18.52 18.99 11.95
N GLU C 28 17.46 19.13 12.75
CA GLU C 28 16.38 20.09 12.49
C GLU C 28 16.87 21.49 12.10
N LYS C 29 17.82 22.02 12.86
CA LYS C 29 18.36 23.37 12.63
C LYS C 29 19.10 23.46 11.30
N ILE C 30 19.83 22.41 10.96
CA ILE C 30 20.51 22.33 9.66
C ILE C 30 19.52 22.24 8.50
N ALA C 31 18.54 21.33 8.61
CA ALA C 31 17.44 21.28 7.63
C ALA C 31 16.72 22.62 7.47
N GLU C 32 16.38 23.28 8.58
CA GLU C 32 15.86 24.65 8.55
C GLU C 32 16.75 25.60 7.76
N HIS C 33 18.06 25.52 8.02
CA HIS C 33 19.04 26.38 7.38
C HIS C 33 19.11 26.08 5.88
N ILE C 34 19.14 24.80 5.53
CA ILE C 34 19.12 24.37 4.14
C ILE C 34 17.83 24.83 3.43
N ALA C 35 16.67 24.55 4.04
CA ALA C 35 15.38 24.96 3.48
C ALA C 35 15.26 26.48 3.30
N GLY C 36 15.74 27.23 4.30
CA GLY C 36 15.79 28.70 4.22
C GLY C 36 16.65 29.18 3.06
N ARG C 37 17.80 28.54 2.87
CA ARG C 37 18.71 28.86 1.77
C ARG C 37 18.11 28.52 0.42
N VAL C 38 17.54 27.32 0.33
CA VAL C 38 16.97 26.82 -0.92
C VAL C 38 15.78 27.70 -1.37
N SER C 39 14.93 28.09 -0.42
CA SER C 39 13.72 28.84 -0.74
C SER C 39 13.98 30.27 -1.22
N GLN C 40 15.15 30.82 -0.88
CA GLN C 40 15.53 32.16 -1.34
C GLN C 40 16.31 32.14 -2.66
N SER C 41 16.67 30.95 -3.13
CA SER C 41 17.40 30.83 -4.40
C SER C 41 16.49 31.12 -5.59
N PHE C 42 17.12 31.43 -6.73
CA PHE C 42 16.40 31.88 -7.93
C PHE C 42 15.43 30.85 -8.51
N LYS C 43 14.13 31.20 -8.52
CA LYS C 43 13.06 30.36 -9.10
C LYS C 43 13.02 28.95 -8.49
N CYS C 44 13.15 28.87 -7.18
CA CYS C 44 13.19 27.60 -6.48
C CYS C 44 11.92 27.45 -5.64
N ASP C 45 10.90 26.84 -6.25
CA ASP C 45 9.59 26.69 -5.63
C ASP C 45 9.21 25.23 -5.36
N VAL C 46 9.78 24.29 -6.12
CA VAL C 46 9.48 22.86 -5.97
C VAL C 46 10.78 22.07 -5.70
N VAL C 47 10.81 21.32 -4.59
CA VAL C 47 11.96 20.49 -4.22
C VAL C 47 11.58 18.99 -4.15
N VAL C 48 12.47 18.14 -4.64
CA VAL C 48 12.38 16.71 -4.45
C VAL C 48 13.22 16.30 -3.24
N ASP C 49 12.57 15.76 -2.21
CA ASP C 49 13.27 15.12 -1.10
C ASP C 49 13.34 13.64 -1.44
N ALA C 50 14.51 13.25 -1.98
CA ALA C 50 14.68 11.96 -2.67
C ALA C 50 14.64 10.70 -1.80
N PHE C 51 14.97 10.84 -0.51
CA PHE C 51 14.99 9.73 0.47
C PHE C 51 14.39 10.33 1.73
N CYS C 52 13.07 10.51 1.72
CA CYS C 52 12.43 11.40 2.69
C CYS C 52 12.30 10.84 4.10
N GLY C 53 12.45 9.52 4.26
CA GLY C 53 12.16 8.89 5.56
C GLY C 53 10.78 9.25 6.11
N VAL C 54 10.73 9.54 7.42
CA VAL C 54 9.50 10.01 8.10
C VAL C 54 9.21 11.50 7.89
N GLY C 55 10.03 12.14 7.04
CA GLY C 55 9.74 13.48 6.57
C GLY C 55 10.40 14.65 7.29
N GLY C 56 11.47 14.40 8.04
CA GLY C 56 12.13 15.48 8.80
C GLY C 56 12.57 16.66 7.96
N ASN C 57 13.23 16.38 6.83
CA ASN C 57 13.68 17.42 5.90
C ASN C 57 12.52 17.99 5.07
N THR C 58 11.63 17.11 4.59
CA THR C 58 10.39 17.45 3.88
C THR C 58 9.61 18.55 4.60
N ILE C 59 9.40 18.37 5.90
CA ILE C 59 8.70 19.35 6.73
C ILE C 59 9.37 20.70 6.69
N GLN C 60 10.70 20.73 6.73
CA GLN C 60 11.40 22.00 6.76
C GLN C 60 11.27 22.74 5.42
N PHE C 61 11.34 22.02 4.30
CA PHE C 61 11.12 22.66 2.99
C PHE C 61 9.70 23.20 2.89
N ALA C 62 8.73 22.41 3.34
CA ALA C 62 7.32 22.73 3.26
C ALA C 62 6.94 23.96 4.11
N LEU C 63 7.60 24.12 5.25
CA LEU C 63 7.36 25.25 6.15
C LEU C 63 7.82 26.60 5.58
N THR C 64 8.72 26.56 4.60
CA THR C 64 9.13 27.78 3.91
C THR C 64 8.15 28.18 2.81
N GLY C 65 7.20 27.29 2.52
CA GLY C 65 6.21 27.54 1.47
C GLY C 65 6.46 26.82 0.16
N ARG C 67 6.72 23.64 -2.43
CA ARG C 67 6.06 22.36 -2.66
C ARG C 67 7.11 21.28 -2.74
N VAL C 68 6.77 20.12 -2.20
CA VAL C 68 7.72 19.02 -2.05
C VAL C 68 7.19 17.75 -2.66
N ILE C 69 8.04 17.08 -3.46
CA ILE C 69 7.83 15.71 -3.90
CA ILE C 69 7.81 15.70 -3.89
C ILE C 69 8.70 14.85 -2.97
N ALA C 70 8.08 14.14 -2.05
CA ALA C 70 8.82 13.37 -1.05
C ALA C 70 8.74 11.89 -1.40
N ILE C 71 9.91 11.29 -1.61
CA ILE C 71 10.01 9.93 -2.11
C ILE C 71 10.73 9.04 -1.11
N ASP C 72 10.16 7.85 -0.86
CA ASP C 72 10.83 6.83 -0.07
C ASP C 72 10.34 5.47 -0.51
N ILE C 73 11.27 4.52 -0.60
CA ILE C 73 10.98 3.18 -1.08
C ILE C 73 10.19 2.34 -0.04
N ASP C 74 10.16 2.81 1.21
CA ASP C 74 9.56 2.10 2.32
C ASP C 74 8.15 2.64 2.59
N PRO C 75 7.11 1.79 2.42
CA PRO C 75 5.74 2.29 2.65
C PRO C 75 5.45 2.68 4.10
N VAL C 76 6.21 2.13 5.03
CA VAL C 76 6.09 2.49 6.45
C VAL C 76 6.52 3.95 6.66
N LYS C 77 7.68 4.30 6.10
CA LYS C 77 8.20 5.65 6.21
C LYS C 77 7.21 6.66 5.62
N ILE C 78 6.69 6.35 4.43
CA ILE C 78 5.74 7.22 3.75
C ILE C 78 4.50 7.47 4.61
N ALA C 79 3.90 6.39 5.11
CA ALA C 79 2.72 6.49 5.97
C ALA C 79 2.99 7.28 7.26
N LEU C 80 4.16 7.09 7.87
CA LEU C 80 4.54 7.91 9.02
C LEU C 80 4.80 9.38 8.61
N ALA C 81 5.42 9.56 7.45
CA ALA C 81 5.66 10.89 6.91
C ALA C 81 4.36 11.68 6.68
N ARG C 82 3.34 11.02 6.12
CA ARG C 82 2.02 11.66 5.90
C ARG C 82 1.42 12.15 7.19
N ASN C 83 1.45 11.32 8.23
CA ASN C 83 1.03 11.71 9.58
C ASN C 83 1.75 12.96 10.09
N ASN C 84 3.09 12.94 10.00
CA ASN C 84 3.91 14.08 10.40
C ASN C 84 3.57 15.37 9.68
N ALA C 85 3.38 15.27 8.36
CA ALA C 85 3.03 16.43 7.56
C ALA C 85 1.75 17.09 8.09
N GLU C 86 0.77 16.28 8.45
CA GLU C 86 -0.47 16.80 8.99
C GLU C 86 -0.31 17.48 10.35
N VAL C 87 0.56 16.91 11.20
CA VAL C 87 0.86 17.49 12.51
C VAL C 87 1.41 18.92 12.36
N TYR C 88 2.30 19.10 11.38
CA TYR C 88 2.96 20.40 11.17
C TYR C 88 2.14 21.34 10.29
N GLY C 89 0.94 20.91 9.92
CA GLY C 89 -0.01 21.74 9.16
C GLY C 89 0.39 22.07 7.74
N ILE C 90 1.15 21.19 7.09
CA ILE C 90 1.67 21.47 5.75
C ILE C 90 1.53 20.30 4.77
N ALA C 91 0.65 19.37 5.10
CA ALA C 91 0.33 18.23 4.24
C ALA C 91 -0.07 18.66 2.82
N ASP C 92 -0.79 19.78 2.72
CA ASP C 92 -1.21 20.33 1.41
C ASP C 92 -0.03 20.70 0.50
N LYS C 93 1.16 20.87 1.08
CA LYS C 93 2.34 21.28 0.32
C LYS C 93 3.13 20.10 -0.25
N ILE C 94 2.82 18.88 0.20
CA ILE C 94 3.62 17.71 -0.14
C ILE C 94 2.88 16.65 -0.97
N GLU C 95 3.55 16.12 -2.00
CA GLU C 95 3.14 14.88 -2.65
C GLU C 95 4.10 13.76 -2.27
N PHE C 96 3.60 12.81 -1.48
CA PHE C 96 4.34 11.62 -1.11
C PHE C 96 4.24 10.56 -2.20
N ILE C 97 5.36 9.95 -2.54
CA ILE C 97 5.37 8.83 -3.46
C ILE C 97 6.21 7.72 -2.85
N CYS C 98 5.61 6.54 -2.70
CA CYS C 98 6.37 5.37 -2.28
C CYS C 98 6.95 4.69 -3.52
N GLY C 99 8.27 4.74 -3.64
CA GLY C 99 8.97 4.14 -4.77
C GLY C 99 10.48 4.35 -4.72
N ASP C 100 11.16 3.81 -5.72
CA ASP C 100 12.60 3.93 -5.86
C ASP C 100 12.95 5.25 -6.55
N PHE C 101 13.70 6.13 -5.86
CA PHE C 101 14.11 7.41 -6.44
C PHE C 101 14.77 7.24 -7.81
N LEU C 102 15.64 6.25 -7.94
CA LEU C 102 16.38 6.05 -9.18
C LEU C 102 15.48 5.74 -10.37
N LEU C 103 14.36 5.08 -10.08
CA LEU C 103 13.36 4.71 -11.08
C LEU C 103 12.37 5.85 -11.35
N LEU C 104 12.13 6.70 -10.34
CA LEU C 104 11.19 7.80 -10.49
C LEU C 104 11.81 9.06 -11.09
N ALA C 105 13.11 9.24 -10.87
CA ALA C 105 13.80 10.51 -11.15
C ALA C 105 13.62 11.05 -12.59
N SER C 106 13.72 10.17 -13.58
CA SER C 106 13.57 10.56 -14.99
C SER C 106 12.19 11.11 -15.37
N PHE C 107 11.22 11.00 -14.46
CA PHE C 107 9.85 11.42 -14.77
C PHE C 107 9.39 12.61 -13.95
N LEU C 108 10.30 13.24 -13.24
CA LEU C 108 9.96 14.33 -12.33
C LEU C 108 10.27 15.70 -12.86
N LYS C 109 9.50 16.68 -12.38
CA LYS C 109 9.74 18.07 -12.68
C LYS C 109 9.82 18.82 -11.36
N ALA C 110 10.95 19.48 -11.15
CA ALA C 110 11.24 20.23 -9.91
C ALA C 110 12.44 21.15 -10.11
N ASP C 111 12.53 22.17 -9.24
CA ASP C 111 13.57 23.18 -9.27
C ASP C 111 14.84 22.78 -8.51
N VAL C 112 14.66 21.95 -7.49
CA VAL C 112 15.72 21.55 -6.55
C VAL C 112 15.58 20.06 -6.25
N VAL C 113 16.69 19.35 -6.11
CA VAL C 113 16.71 18.01 -5.55
C VAL C 113 17.54 17.99 -4.27
N PHE C 114 16.97 17.48 -3.18
CA PHE C 114 17.69 17.33 -1.92
C PHE C 114 18.03 15.89 -1.68
N LEU C 115 19.33 15.62 -1.47
CA LEU C 115 19.86 14.27 -1.38
C LEU C 115 20.44 13.98 -0.02
N SER C 116 19.86 13.00 0.66
CA SER C 116 20.42 12.46 1.89
C SER C 116 20.31 10.94 1.84
N PRO C 117 21.12 10.29 0.98
CA PRO C 117 21.04 8.86 0.70
C PRO C 117 21.43 8.00 1.90
N PRO C 118 21.10 6.70 1.87
CA PRO C 118 21.59 5.75 2.86
C PRO C 118 23.12 5.59 2.77
N TRP C 119 23.81 5.70 3.91
CA TRP C 119 25.28 5.56 3.96
C TRP C 119 25.65 4.11 4.27
N ALA C 127 36.79 3.77 6.37
CA ALA C 127 36.56 4.38 7.67
C ALA C 127 37.16 5.78 7.73
N GLU C 128 38.27 5.99 7.04
CA GLU C 128 39.01 7.26 7.10
C GLU C 128 38.54 8.27 6.07
N THR C 129 38.37 7.83 4.84
CA THR C 129 37.79 8.64 3.77
C THR C 129 36.53 7.96 3.22
N PHE C 130 35.43 8.70 3.19
CA PHE C 130 34.16 8.18 2.72
C PHE C 130 34.08 8.21 1.19
N ASP C 131 33.82 7.04 0.61
CA ASP C 131 33.68 6.88 -0.83
C ASP C 131 32.20 6.83 -1.22
N ILE C 132 31.71 7.86 -1.90
CA ILE C 132 30.28 7.96 -2.23
C ILE C 132 29.81 6.93 -3.27
N ARG C 133 30.74 6.49 -4.11
CA ARG C 133 30.46 5.39 -5.05
C ARG C 133 30.35 4.05 -4.31
N THR C 134 31.19 3.86 -3.30
CA THR C 134 31.36 2.57 -2.63
C THR C 134 30.56 2.44 -1.31
N SER C 137 24.48 3.22 -0.65
CA SER C 137 23.58 2.31 -1.35
C SER C 137 22.24 3.03 -1.57
N PRO C 138 21.89 3.31 -2.85
CA PRO C 138 22.69 3.02 -4.05
C PRO C 138 23.85 4.00 -4.30
N ASP C 139 24.71 3.65 -5.25
CA ASP C 139 25.85 4.43 -5.73
C ASP C 139 25.58 5.94 -5.80
N GLY C 140 26.40 6.70 -5.06
CA GLY C 140 26.24 8.14 -4.93
C GLY C 140 26.38 8.92 -6.21
N PHE C 141 27.15 8.39 -7.15
CA PHE C 141 27.32 9.02 -8.47
C PHE C 141 26.06 8.81 -9.30
N GLU C 142 25.49 7.62 -9.16
CA GLU C 142 24.26 7.25 -9.86
C GLU C 142 23.09 8.11 -9.41
N ILE C 143 22.95 8.29 -8.09
CA ILE C 143 21.93 9.17 -7.50
C ILE C 143 22.03 10.60 -8.02
N PHE C 144 23.26 11.09 -8.12
CA PHE C 144 23.51 12.45 -8.62
C PHE C 144 23.20 12.56 -10.11
N ARG C 145 23.58 11.56 -10.89
CA ARG C 145 23.29 11.51 -12.32
C ARG C 145 21.78 11.60 -12.61
N LEU C 146 21.00 10.82 -11.87
CA LEU C 146 19.55 10.84 -11.97
C LEU C 146 18.95 12.16 -11.50
N SER C 147 19.50 12.73 -10.43
CA SER C 147 19.05 14.03 -9.94
C SER C 147 19.29 15.12 -11.00
N LYS C 148 20.38 14.93 -11.74
CA LYS C 148 20.82 15.86 -12.79
C LYS C 148 19.81 15.96 -13.94
N LYS C 149 19.10 14.86 -14.20
CA LYS C 149 18.02 14.85 -15.19
C LYS C 149 16.92 15.84 -14.85
N ILE C 150 16.71 16.05 -13.55
CA ILE C 150 15.66 16.92 -13.06
C ILE C 150 16.08 18.38 -13.07
N THR C 151 17.31 18.64 -12.63
CA THR C 151 17.77 19.99 -12.32
C THR C 151 19.26 20.03 -12.02
N ASN C 152 19.83 21.23 -12.05
CA ASN C 152 21.23 21.46 -11.66
C ASN C 152 21.31 21.82 -10.18
N ASN C 153 20.20 22.35 -9.65
CA ASN C 153 20.13 22.80 -8.25
C ASN C 153 19.98 21.62 -7.28
N ILE C 154 21.10 21.08 -6.85
CA ILE C 154 21.15 19.87 -6.05
C ILE C 154 21.83 20.14 -4.70
N VAL C 155 21.26 19.60 -3.62
CA VAL C 155 21.85 19.67 -2.29
C VAL C 155 22.22 18.25 -1.86
N TYR C 156 23.49 18.03 -1.52
CA TYR C 156 23.97 16.73 -1.09
C TYR C 156 24.38 16.78 0.39
N PHE C 157 23.64 16.08 1.24
CA PHE C 157 23.99 15.98 2.66
C PHE C 157 24.93 14.79 2.85
N LEU C 158 26.11 15.05 3.41
CA LEU C 158 27.22 14.08 3.42
C LEU C 158 28.00 14.00 4.75
N PRO C 159 28.66 12.84 5.02
CA PRO C 159 29.54 12.72 6.19
C PRO C 159 30.76 13.64 6.11
N ARG C 160 31.31 14.00 7.26
CA ARG C 160 32.45 14.94 7.35
C ARG C 160 33.70 14.46 6.57
N ASN C 161 33.88 13.14 6.51
CA ASN C 161 35.05 12.53 5.84
C ASN C 161 34.84 12.24 4.36
N ALA C 162 33.84 12.91 3.78
CA ALA C 162 33.54 12.74 2.36
C ALA C 162 34.69 13.24 1.49
N ASP C 163 35.06 12.43 0.50
CA ASP C 163 36.09 12.77 -0.46
C ASP C 163 35.66 13.99 -1.29
N ILE C 164 36.29 15.14 -1.05
CA ILE C 164 35.87 16.39 -1.68
C ILE C 164 36.23 16.44 -3.16
N ASP C 165 37.20 15.64 -3.57
CA ASP C 165 37.49 15.48 -5.00
C ASP C 165 36.30 14.85 -5.72
N GLN C 166 35.79 13.74 -5.16
CA GLN C 166 34.56 13.11 -5.68
C GLN C 166 33.42 14.10 -5.72
N VAL C 167 33.12 14.70 -4.58
CA VAL C 167 32.02 15.67 -4.44
C VAL C 167 32.15 16.82 -5.44
N ALA C 168 33.36 17.35 -5.59
CA ALA C 168 33.63 18.42 -6.57
C ALA C 168 33.42 17.97 -8.02
N SER C 169 33.82 16.73 -8.32
CA SER C 169 33.73 16.19 -9.68
C SER C 169 32.30 16.07 -10.24
N LEU C 170 31.32 15.99 -9.34
CA LEU C 170 29.90 15.93 -9.69
C LEU C 170 29.47 17.23 -10.37
N ALA C 171 30.13 18.33 -10.05
CA ALA C 171 29.84 19.63 -10.66
C ALA C 171 30.28 19.73 -12.12
N GLY C 172 30.98 18.71 -12.61
CA GLY C 172 31.51 18.70 -13.96
C GLY C 172 32.83 19.45 -14.07
N PRO C 173 33.62 19.17 -15.14
CA PRO C 173 34.90 19.85 -15.36
C PRO C 173 34.72 21.37 -15.48
N GLY C 174 35.41 22.12 -14.63
CA GLY C 174 35.26 23.57 -14.60
C GLY C 174 34.06 24.05 -13.80
N GLY C 175 33.36 23.11 -13.16
CA GLY C 175 32.15 23.42 -12.40
C GLY C 175 32.40 23.93 -10.98
N GLN C 176 31.42 24.67 -10.47
CA GLN C 176 31.45 25.19 -9.10
C GLN C 176 30.70 24.29 -8.09
N VAL C 177 31.26 24.17 -6.89
CA VAL C 177 30.62 23.48 -5.76
C VAL C 177 30.82 24.34 -4.50
N GLU C 178 29.83 24.32 -3.62
CA GLU C 178 29.99 24.92 -2.28
C GLU C 178 29.95 23.81 -1.26
N ILE C 179 30.95 23.79 -0.38
CA ILE C 179 31.04 22.83 0.70
C ILE C 179 30.75 23.56 2.01
N GLU C 180 29.50 23.47 2.46
CA GLU C 180 29.09 24.08 3.70
C GLU C 180 29.34 23.08 4.81
N GLN C 181 30.24 23.46 5.71
CA GLN C 181 30.67 22.59 6.78
C GLN C 181 29.78 22.84 7.99
N ASN C 182 29.25 21.76 8.57
CA ASN C 182 28.34 21.89 9.69
C ASN C 182 29.03 21.56 11.00
N PHE C 183 29.05 22.55 11.88
CA PHE C 183 29.76 22.43 13.15
C PHE C 183 28.79 22.37 14.33
N LEU C 184 28.94 21.32 15.13
CA LEU C 184 28.25 21.23 16.43
C LEU C 184 29.27 21.35 17.57
N ASN C 185 29.17 22.46 18.31
CA ASN C 185 30.08 22.78 19.42
C ASN C 185 31.52 22.99 18.95
N ASN C 186 31.66 23.76 17.86
CA ASN C 186 32.95 24.04 17.22
C ASN C 186 33.72 22.84 16.70
N LYS C 187 33.07 21.68 16.67
CA LYS C 187 33.62 20.49 16.04
C LYS C 187 32.82 20.13 14.77
N LEU C 188 33.53 19.70 13.72
CA LEU C 188 32.92 19.32 12.44
C LEU C 188 32.12 18.03 12.57
N LYS C 189 30.86 18.07 12.11
CA LYS C 189 29.97 16.90 12.17
C LYS C 189 29.64 16.34 10.80
N THR C 190 29.20 17.23 9.91
CA THR C 190 28.77 16.84 8.57
C THR C 190 29.06 17.95 7.57
N ILE C 191 28.79 17.64 6.31
CA ILE C 191 28.90 18.60 5.22
C ILE C 191 27.57 18.66 4.46
N THR C 192 27.27 19.85 3.95
CA THR C 192 26.21 20.05 2.98
C THR C 192 26.83 20.64 1.73
N ALA C 193 26.74 19.91 0.62
CA ALA C 193 27.24 20.38 -0.67
C ALA C 193 26.10 20.95 -1.55
N TYR C 194 26.33 22.15 -2.10
CA TYR C 194 25.36 22.81 -2.99
C TYR C 194 25.91 22.88 -4.42
N PHE C 195 25.01 22.74 -5.38
CA PHE C 195 25.32 22.79 -6.81
C PHE C 195 24.39 23.77 -7.51
N GLY C 196 24.75 24.21 -8.72
CA GLY C 196 23.94 25.14 -9.51
C GLY C 196 23.68 26.47 -8.83
N ASP C 197 22.49 27.03 -9.03
CA ASP C 197 22.11 28.34 -8.50
C ASP C 197 21.91 28.39 -6.99
N LEU C 198 22.21 27.30 -6.30
CA LEU C 198 22.08 27.25 -4.84
C LEU C 198 23.35 27.77 -4.13
N ILE C 199 24.49 27.63 -4.80
CA ILE C 199 25.77 28.17 -4.33
C ILE C 199 25.69 29.67 -3.97
N ARG C 200 26.19 30.03 -2.79
CA ARG C 200 26.36 31.45 -2.42
C ARG C 200 27.59 32.07 -3.07
N PRO D 2 17.34 -27.78 33.57
CA PRO D 2 16.01 -27.65 32.97
C PRO D 2 14.95 -28.43 33.76
N LEU D 3 13.85 -27.79 34.12
CA LEU D 3 12.77 -28.49 34.83
C LEU D 3 11.36 -28.03 34.42
N GLY D 4 10.35 -28.48 35.17
CA GLY D 4 8.95 -28.12 34.91
C GLY D 4 8.42 -28.45 33.54
N SER D 5 7.36 -27.75 33.14
CA SER D 5 6.60 -28.04 31.93
C SER D 5 6.83 -27.05 30.75
N ARG D 6 6.82 -27.60 29.53
CA ARG D 6 6.88 -26.78 28.32
C ARG D 6 5.82 -27.20 27.31
N LEU D 7 4.75 -26.41 27.21
CA LEU D 7 3.73 -26.61 26.18
C LEU D 7 4.21 -26.00 24.87
N PHE D 8 3.97 -26.70 23.76
CA PHE D 8 4.40 -26.23 22.44
C PHE D 8 3.18 -26.02 21.56
N SER D 9 3.15 -24.88 20.87
CA SER D 9 2.05 -24.58 19.97
C SER D 9 2.57 -23.95 18.70
N ARG D 10 1.68 -23.80 17.73
CA ARG D 10 2.04 -23.31 16.42
C ARG D 10 1.10 -22.17 16.01
N PHE D 11 1.64 -21.14 15.37
CA PHE D 11 0.80 -20.14 14.71
C PHE D 11 1.33 -19.83 13.31
N ASP D 12 0.43 -19.86 12.34
CA ASP D 12 0.79 -19.63 10.94
C ASP D 12 0.49 -18.22 10.46
N ASP D 13 1.56 -17.50 10.15
CA ASP D 13 1.53 -16.10 9.73
C ASP D 13 0.88 -15.98 8.33
N GLY D 14 0.60 -14.73 7.91
CA GLY D 14 0.10 -14.47 6.57
C GLY D 14 1.22 -13.98 5.64
N ARG D 19 7.04 -6.40 -1.17
CA ARG D 19 7.33 -5.00 -0.83
C ARG D 19 6.38 -4.39 0.22
N GLU D 20 5.62 -5.25 0.90
CA GLU D 20 4.79 -4.79 2.01
C GLU D 20 5.57 -4.74 3.33
N GLY D 21 5.35 -3.66 4.09
CA GLY D 21 6.00 -3.50 5.39
C GLY D 21 5.02 -3.30 6.52
N TRP D 22 5.52 -3.48 7.75
CA TRP D 22 4.77 -3.22 8.98
C TRP D 22 5.61 -2.44 9.96
N PHE D 23 4.94 -1.75 10.88
CA PHE D 23 5.56 -0.91 11.92
C PHE D 23 6.48 -1.69 12.85
N SER D 24 6.25 -2.98 12.99
CA SER D 24 6.97 -3.78 13.96
C SER D 24 7.65 -5.00 13.34
N VAL D 25 8.76 -5.42 13.96
CA VAL D 25 9.40 -6.71 13.65
C VAL D 25 8.41 -7.86 13.92
N THR D 26 7.50 -7.64 14.88
CA THR D 26 6.38 -8.53 15.12
C THR D 26 5.36 -8.30 14.00
N PRO D 27 5.14 -9.31 13.13
CA PRO D 27 4.19 -9.12 12.02
C PRO D 27 2.81 -8.74 12.53
N GLU D 28 2.09 -7.92 11.77
CA GLU D 28 0.75 -7.47 12.17
C GLU D 28 -0.15 -8.63 12.62
N LYS D 29 -0.15 -9.71 11.85
CA LYS D 29 -1.03 -10.86 12.12
C LYS D 29 -0.69 -11.64 13.37
N ILE D 30 0.60 -11.78 13.69
CA ILE D 30 0.91 -12.45 14.95
C ILE D 30 0.64 -11.52 16.15
N ALA D 31 0.98 -10.24 16.04
CA ALA D 31 0.60 -9.24 17.05
C ALA D 31 -0.92 -9.24 17.29
N GLU D 32 -1.67 -9.29 16.19
CA GLU D 32 -3.12 -9.48 16.20
C GLU D 32 -3.48 -10.77 16.96
N HIS D 33 -2.81 -11.87 16.60
CA HIS D 33 -3.01 -13.16 17.28
C HIS D 33 -2.68 -13.05 18.77
N ILE D 34 -1.52 -12.48 19.06
CA ILE D 34 -1.08 -12.29 20.45
C ILE D 34 -2.09 -11.46 21.25
N ALA D 35 -2.48 -10.30 20.71
CA ALA D 35 -3.40 -9.40 21.40
C ALA D 35 -4.76 -10.07 21.60
N GLY D 36 -5.15 -10.90 20.64
CA GLY D 36 -6.40 -11.66 20.69
C GLY D 36 -6.46 -12.61 21.87
N ARG D 37 -5.42 -13.42 22.04
CA ARG D 37 -5.44 -14.42 23.12
C ARG D 37 -5.11 -13.88 24.52
N VAL D 38 -4.28 -12.84 24.61
CA VAL D 38 -4.09 -12.17 25.90
C VAL D 38 -5.34 -11.42 26.39
N SER D 39 -6.06 -10.76 25.49
CA SER D 39 -7.31 -10.10 25.89
C SER D 39 -8.39 -11.11 26.28
N GLN D 40 -8.23 -12.36 25.82
CA GLN D 40 -9.13 -13.44 26.22
C GLN D 40 -8.82 -13.94 27.63
N SER D 41 -7.58 -13.74 28.08
CA SER D 41 -7.11 -14.33 29.34
C SER D 41 -7.77 -13.73 30.60
N PHE D 42 -7.70 -14.50 31.68
CA PHE D 42 -8.38 -14.20 32.94
C PHE D 42 -7.93 -12.87 33.58
N LYS D 43 -8.87 -11.92 33.66
CA LYS D 43 -8.66 -10.58 34.23
C LYS D 43 -7.51 -9.78 33.57
N CYS D 44 -7.40 -9.90 32.25
CA CYS D 44 -6.33 -9.25 31.50
C CYS D 44 -6.88 -8.06 30.74
N ASP D 45 -6.81 -6.89 31.38
CA ASP D 45 -7.39 -5.65 30.87
C ASP D 45 -6.33 -4.58 30.54
N VAL D 46 -5.17 -4.63 31.19
CA VAL D 46 -4.13 -3.62 31.03
C VAL D 46 -2.80 -4.28 30.66
N VAL D 47 -2.20 -3.82 29.55
CA VAL D 47 -0.92 -4.36 29.09
C VAL D 47 0.16 -3.27 28.98
N VAL D 48 1.37 -3.60 29.42
CA VAL D 48 2.54 -2.80 29.19
C VAL D 48 3.23 -3.30 27.92
N ASP D 49 3.34 -2.43 26.92
CA ASP D 49 4.18 -2.66 25.78
C ASP D 49 5.50 -1.99 26.10
N ALA D 50 6.47 -2.79 26.54
CA ALA D 50 7.70 -2.31 27.17
C ALA D 50 8.72 -1.62 26.26
N PHE D 51 8.77 -2.02 24.98
CA PHE D 51 9.63 -1.40 23.95
C PHE D 51 8.70 -1.17 22.73
N CYS D 52 7.92 -0.11 22.80
CA CYS D 52 6.79 0.06 21.88
C CYS D 52 7.13 0.51 20.46
N GLY D 53 8.30 1.13 20.28
CA GLY D 53 8.65 1.76 18.99
C GLY D 53 7.54 2.71 18.52
N VAL D 54 7.17 2.60 17.24
CA VAL D 54 6.13 3.46 16.67
C VAL D 54 4.73 2.90 16.87
N GLY D 55 4.64 1.81 17.65
CA GLY D 55 3.35 1.38 18.20
C GLY D 55 2.62 0.25 17.51
N GLY D 56 3.33 -0.49 16.65
CA GLY D 56 2.70 -1.59 15.90
C GLY D 56 1.99 -2.61 16.77
N ASN D 57 2.63 -3.02 17.86
CA ASN D 57 2.02 -3.98 18.78
C ASN D 57 0.99 -3.33 19.69
N THR D 58 1.31 -2.13 20.16
CA THR D 58 0.43 -1.26 20.94
C THR D 58 -0.94 -1.13 20.30
N ILE D 59 -0.98 -0.85 18.99
CA ILE D 59 -2.21 -0.71 18.25
C ILE D 59 -3.07 -1.97 18.33
N GLN D 60 -2.43 -3.13 18.19
CA GLN D 60 -3.15 -4.39 18.19
C GLN D 60 -3.78 -4.68 19.55
N PHE D 61 -3.04 -4.43 20.63
CA PHE D 61 -3.59 -4.58 21.98
C PHE D 61 -4.76 -3.62 22.17
N ALA D 62 -4.58 -2.36 21.77
CA ALA D 62 -5.63 -1.34 21.91
C ALA D 62 -6.90 -1.67 21.16
N LEU D 63 -6.76 -2.30 19.98
CA LEU D 63 -7.92 -2.66 19.16
C LEU D 63 -8.82 -3.74 19.76
N THR D 64 -8.26 -4.56 20.65
CA THR D 64 -9.07 -5.55 21.38
C THR D 64 -9.88 -4.89 22.50
N GLY D 65 -9.61 -3.61 22.78
CA GLY D 65 -10.28 -2.93 23.88
C GLY D 65 -9.47 -2.83 25.16
N ARG D 67 -6.44 -1.50 27.63
CA ARG D 67 -5.70 -0.28 27.89
C ARG D 67 -4.23 -0.60 27.83
N VAL D 68 -3.44 0.32 27.29
CA VAL D 68 -2.01 0.07 27.07
C VAL D 68 -1.16 1.18 27.70
N ILE D 69 -0.14 0.76 28.45
CA ILE D 69 0.95 1.62 28.86
C ILE D 69 2.10 1.33 27.89
N ALA D 70 2.33 2.26 26.97
CA ALA D 70 3.31 2.07 25.91
C ALA D 70 4.57 2.87 26.21
N ILE D 71 5.68 2.16 26.34
CA ILE D 71 6.94 2.75 26.78
C ILE D 71 8.02 2.62 25.72
N ASP D 72 8.78 3.70 25.52
CA ASP D 72 9.95 3.66 24.66
C ASP D 72 10.91 4.74 25.08
N ILE D 73 12.20 4.42 25.07
CA ILE D 73 13.24 5.34 25.52
C ILE D 73 13.48 6.51 24.54
N ASP D 74 13.01 6.33 23.31
CA ASP D 74 13.28 7.27 22.22
C ASP D 74 12.03 8.13 22.01
N PRO D 75 12.17 9.46 22.20
CA PRO D 75 11.05 10.40 22.08
C PRO D 75 10.52 10.53 20.65
N VAL D 76 11.37 10.28 19.66
CA VAL D 76 10.93 10.20 18.26
C VAL D 76 9.91 9.07 18.03
N LYS D 77 10.22 7.88 18.56
CA LYS D 77 9.32 6.74 18.48
C LYS D 77 7.97 7.04 19.13
N ILE D 78 8.01 7.63 20.32
CA ILE D 78 6.80 7.96 21.07
C ILE D 78 5.90 8.93 20.29
N ALA D 79 6.48 10.02 19.80
CA ALA D 79 5.76 11.00 18.97
C ALA D 79 5.10 10.38 17.75
N LEU D 80 5.86 9.53 17.05
CA LEU D 80 5.32 8.76 15.92
C LEU D 80 4.18 7.81 16.34
N ALA D 81 4.37 7.12 17.46
CA ALA D 81 3.35 6.20 18.02
C ALA D 81 2.05 6.90 18.36
N ARG D 82 2.16 8.09 18.97
CA ARG D 82 1.00 8.96 19.25
C ARG D 82 0.17 9.24 18.00
N ASN D 83 0.82 9.63 16.91
CA ASN D 83 0.13 9.87 15.62
C ASN D 83 -0.59 8.62 15.10
N ASN D 84 0.13 7.51 15.03
CA ASN D 84 -0.44 6.20 14.65
C ASN D 84 -1.66 5.79 15.46
N ALA D 85 -1.57 5.92 16.77
CA ALA D 85 -2.70 5.59 17.64
C ALA D 85 -3.96 6.35 17.22
N GLU D 86 -3.80 7.64 16.90
CA GLU D 86 -4.90 8.48 16.41
C GLU D 86 -5.51 8.01 15.09
N VAL D 87 -4.64 7.69 14.13
CA VAL D 87 -5.06 7.16 12.83
C VAL D 87 -5.94 5.93 13.01
N TYR D 88 -5.58 5.07 13.96
CA TYR D 88 -6.33 3.84 14.21
C TYR D 88 -7.54 4.03 15.11
N GLY D 89 -7.74 5.26 15.60
CA GLY D 89 -8.92 5.60 16.40
C GLY D 89 -8.93 5.02 17.81
N ILE D 90 -7.75 4.74 18.35
CA ILE D 90 -7.64 4.10 19.67
C ILE D 90 -6.71 4.83 20.64
N ALA D 91 -6.48 6.12 20.38
CA ALA D 91 -5.53 6.91 21.18
C ALA D 91 -5.93 7.02 22.66
N ASP D 92 -7.22 7.02 22.93
CA ASP D 92 -7.72 7.11 24.30
C ASP D 92 -7.51 5.81 25.12
N LYS D 93 -7.14 4.72 24.45
CA LYS D 93 -6.79 3.46 25.12
C LYS D 93 -5.33 3.40 25.58
N ILE D 94 -4.50 4.34 25.14
CA ILE D 94 -3.06 4.24 25.37
C ILE D 94 -2.46 5.39 26.20
N GLU D 95 -1.63 5.05 27.19
CA GLU D 95 -0.72 6.02 27.79
C GLU D 95 0.71 5.79 27.34
N PHE D 96 1.20 6.70 26.52
CA PHE D 96 2.60 6.69 26.13
C PHE D 96 3.49 7.26 27.22
N ILE D 97 4.64 6.62 27.44
CA ILE D 97 5.64 7.18 28.32
C ILE D 97 6.98 7.04 27.66
N CYS D 98 7.65 8.18 27.48
CA CYS D 98 9.02 8.17 27.01
C CYS D 98 9.97 7.95 28.18
N GLY D 99 10.58 6.77 28.26
CA GLY D 99 11.53 6.49 29.32
C GLY D 99 12.14 5.10 29.22
N ASP D 100 13.02 4.80 30.15
CA ASP D 100 13.69 3.51 30.21
C ASP D 100 12.80 2.51 30.94
N PHE D 101 12.30 1.50 30.23
CA PHE D 101 11.48 0.45 30.84
C PHE D 101 12.05 -0.14 32.14
N LEU D 102 13.36 -0.36 32.19
CA LEU D 102 13.97 -0.92 33.41
C LEU D 102 13.80 -0.03 34.64
N LEU D 103 13.76 1.29 34.41
CA LEU D 103 13.62 2.28 35.47
C LEU D 103 12.16 2.60 35.80
N LEU D 104 11.26 2.37 34.86
CA LEU D 104 9.83 2.59 35.05
C LEU D 104 9.06 1.39 35.61
N ALA D 105 9.56 0.18 35.33
CA ALA D 105 8.88 -1.10 35.66
C ALA D 105 8.41 -1.24 37.11
N SER D 106 9.29 -0.95 38.07
CA SER D 106 8.97 -1.05 39.50
C SER D 106 7.88 -0.10 39.98
N PHE D 107 7.35 0.74 39.08
CA PHE D 107 6.36 1.76 39.44
C PHE D 107 5.04 1.59 38.71
N LEU D 108 4.91 0.49 37.98
CA LEU D 108 3.73 0.25 37.13
C LEU D 108 2.78 -0.79 37.71
N LYS D 109 1.53 -0.66 37.32
CA LYS D 109 0.48 -1.58 37.65
C LYS D 109 -0.17 -1.99 36.34
N ALA D 110 -0.12 -3.29 36.05
CA ALA D 110 -0.76 -3.86 34.86
C ALA D 110 -0.96 -5.37 35.00
N ASP D 111 -1.84 -5.92 34.16
CA ASP D 111 -2.14 -7.35 34.13
C ASP D 111 -1.19 -8.18 33.25
N VAL D 112 -0.63 -7.54 32.23
CA VAL D 112 0.20 -8.19 31.21
C VAL D 112 1.40 -7.29 30.87
N VAL D 113 2.55 -7.91 30.65
CA VAL D 113 3.70 -7.23 30.06
C VAL D 113 4.06 -7.92 28.74
N PHE D 114 4.09 -7.14 27.67
CA PHE D 114 4.57 -7.62 26.37
C PHE D 114 6.01 -7.21 26.13
N LEU D 115 6.88 -8.19 25.89
CA LEU D 115 8.29 -7.90 25.71
C LEU D 115 8.76 -8.23 24.30
N SER D 116 9.29 -7.23 23.62
CA SER D 116 9.97 -7.44 22.35
C SER D 116 11.19 -6.54 22.37
N PRO D 117 12.22 -6.94 23.14
CA PRO D 117 13.37 -6.10 23.41
C PRO D 117 14.27 -5.91 22.20
N PRO D 118 15.20 -4.95 22.27
CA PRO D 118 16.21 -4.76 21.22
C PRO D 118 17.26 -5.86 21.25
N TRP D 119 17.72 -6.25 20.08
CA TRP D 119 18.92 -7.09 20.00
C TRP D 119 20.12 -6.15 20.01
N GLY D 120 21.28 -6.65 20.43
CA GLY D 120 22.48 -5.80 20.55
C GLY D 120 23.78 -6.57 20.51
N ALA D 127 25.37 -16.59 14.74
CA ALA D 127 25.12 -17.31 15.98
C ALA D 127 24.09 -18.42 15.76
N GLU D 128 24.46 -19.65 16.14
CA GLU D 128 23.57 -20.80 16.02
C GLU D 128 22.49 -20.77 17.11
N THR D 129 22.89 -20.43 18.33
CA THR D 129 21.94 -20.27 19.43
C THR D 129 21.90 -18.82 19.95
N PHE D 130 20.68 -18.34 20.19
CA PHE D 130 20.47 -16.99 20.69
C PHE D 130 20.50 -16.99 22.21
N ASP D 131 21.45 -16.24 22.76
CA ASP D 131 21.58 -16.06 24.21
C ASP D 131 20.85 -14.78 24.62
N ILE D 132 19.72 -14.92 25.31
CA ILE D 132 18.90 -13.76 25.69
C ILE D 132 19.59 -12.83 26.70
N ARG D 133 20.55 -13.37 27.44
CA ARG D 133 21.36 -12.62 28.41
C ARG D 133 22.42 -11.73 27.74
N THR D 134 23.09 -12.25 26.71
CA THR D 134 24.21 -11.53 26.07
C THR D 134 23.87 -10.89 24.71
N SER D 137 19.87 -6.23 24.38
CA SER D 137 20.31 -5.03 25.08
C SER D 137 19.09 -4.19 25.43
N PRO D 138 18.72 -4.15 26.73
CA PRO D 138 19.48 -4.72 27.85
C PRO D 138 19.22 -6.21 28.09
N ASP D 139 20.04 -6.79 28.97
CA ASP D 139 19.95 -8.19 29.42
C ASP D 139 18.51 -8.73 29.48
N GLY D 140 18.24 -9.80 28.72
CA GLY D 140 16.92 -10.42 28.66
C GLY D 140 16.38 -10.98 29.96
N PHE D 141 17.29 -11.40 30.84
CA PHE D 141 16.95 -11.86 32.19
C PHE D 141 16.58 -10.69 33.10
N GLU D 142 17.33 -9.59 32.97
CA GLU D 142 17.06 -8.40 33.75
C GLU D 142 15.67 -7.85 33.39
N ILE D 143 15.42 -7.71 32.09
CA ILE D 143 14.12 -7.28 31.55
C ILE D 143 12.97 -8.11 32.12
N PHE D 144 13.15 -9.43 32.12
CA PHE D 144 12.13 -10.34 32.63
C PHE D 144 11.93 -10.17 34.14
N ARG D 145 13.01 -10.02 34.88
CA ARG D 145 12.94 -9.81 36.34
C ARG D 145 12.11 -8.58 36.71
N LEU D 146 12.33 -7.48 35.99
CA LEU D 146 11.59 -6.25 36.21
C LEU D 146 10.13 -6.37 35.81
N SER D 147 9.86 -7.11 34.73
CA SER D 147 8.49 -7.38 34.31
C SER D 147 7.73 -8.19 35.35
N LYS D 148 8.46 -9.10 36.04
CA LYS D 148 7.89 -9.95 37.09
C LYS D 148 7.39 -9.17 38.32
N LYS D 149 8.05 -8.05 38.62
CA LYS D 149 7.56 -7.12 39.64
C LYS D 149 6.17 -6.62 39.33
N ILE D 150 5.84 -6.51 38.04
CA ILE D 150 4.52 -6.04 37.61
C ILE D 150 3.46 -7.16 37.62
N THR D 151 3.83 -8.32 37.08
CA THR D 151 2.89 -9.39 36.78
C THR D 151 3.63 -10.68 36.45
N ASN D 152 2.91 -11.80 36.51
CA ASN D 152 3.43 -13.11 36.07
C ASN D 152 3.09 -13.35 34.61
N ASN D 153 2.05 -12.66 34.13
CA ASN D 153 1.57 -12.75 32.76
C ASN D 153 2.45 -11.97 31.79
N ILE D 154 3.47 -12.64 31.28
CA ILE D 154 4.45 -12.04 30.39
C ILE D 154 4.46 -12.76 29.04
N VAL D 155 4.60 -11.97 27.96
CA VAL D 155 4.74 -12.48 26.61
C VAL D 155 6.12 -12.06 26.16
N TYR D 156 6.93 -13.02 25.72
CA TYR D 156 8.27 -12.72 25.26
C TYR D 156 8.33 -13.04 23.77
N PHE D 157 8.57 -12.03 22.95
CA PHE D 157 8.70 -12.23 21.52
C PHE D 157 10.17 -12.41 21.18
N LEU D 158 10.49 -13.54 20.53
CA LEU D 158 11.88 -14.02 20.41
C LEU D 158 12.22 -14.59 19.04
N PRO D 159 13.51 -14.55 18.66
CA PRO D 159 14.01 -15.20 17.43
C PRO D 159 13.84 -16.74 17.45
N ARG D 160 13.80 -17.34 16.26
CA ARG D 160 13.68 -18.80 16.08
C ARG D 160 14.71 -19.63 16.83
N ASN D 161 15.95 -19.15 16.88
CA ASN D 161 17.06 -19.91 17.44
C ASN D 161 17.24 -19.70 18.94
N ALA D 162 16.15 -19.40 19.63
CA ALA D 162 16.20 -19.10 21.06
C ALA D 162 16.40 -20.36 21.88
N ASP D 163 17.28 -20.23 22.87
CA ASP D 163 17.58 -21.29 23.81
C ASP D 163 16.37 -21.56 24.70
N ILE D 164 15.63 -22.61 24.39
CA ILE D 164 14.39 -22.91 25.12
C ILE D 164 14.67 -23.33 26.57
N ASP D 165 15.89 -23.80 26.84
CA ASP D 165 16.30 -24.06 28.22
C ASP D 165 16.36 -22.73 28.98
N GLN D 166 16.97 -21.73 28.35
CA GLN D 166 17.09 -20.39 28.89
C GLN D 166 15.71 -19.76 29.06
N VAL D 167 14.94 -19.72 27.98
CA VAL D 167 13.56 -19.23 27.99
C VAL D 167 12.71 -19.94 29.06
N ALA D 168 12.80 -21.27 29.12
CA ALA D 168 12.04 -22.03 30.13
C ALA D 168 12.48 -21.77 31.57
N SER D 169 13.76 -21.47 31.78
CA SER D 169 14.27 -21.14 33.13
C SER D 169 13.65 -19.85 33.73
N LEU D 170 13.18 -18.94 32.87
CA LEU D 170 12.47 -17.74 33.32
C LEU D 170 11.20 -18.07 34.09
N ALA D 171 10.62 -19.23 33.81
CA ALA D 171 9.37 -19.64 34.47
C ALA D 171 9.58 -20.13 35.91
N GLY D 172 10.84 -20.31 36.30
CA GLY D 172 11.18 -20.80 37.64
C GLY D 172 11.26 -22.33 37.69
N PRO D 173 11.92 -22.88 38.75
CA PRO D 173 12.01 -24.32 38.98
C PRO D 173 10.63 -24.96 39.05
N GLY D 174 10.33 -25.82 38.08
CA GLY D 174 9.01 -26.48 38.04
C GLY D 174 7.93 -25.59 37.46
N GLY D 175 8.33 -24.48 36.85
CA GLY D 175 7.39 -23.55 36.24
C GLY D 175 6.93 -23.99 34.85
N GLN D 176 5.81 -23.43 34.42
CA GLN D 176 5.22 -23.73 33.13
C GLN D 176 5.54 -22.61 32.12
N VAL D 177 5.83 -23.00 30.89
CA VAL D 177 6.05 -22.06 29.78
C VAL D 177 5.40 -22.62 28.52
N GLU D 178 4.80 -21.74 27.72
CA GLU D 178 4.32 -22.12 26.40
C GLU D 178 5.15 -21.46 25.32
N ILE D 179 5.71 -22.29 24.44
CA ILE D 179 6.50 -21.83 23.32
C ILE D 179 5.63 -21.95 22.07
N GLU D 180 5.13 -20.80 21.61
CA GLU D 180 4.33 -20.72 20.40
C GLU D 180 5.26 -20.39 19.23
N GLN D 181 5.29 -21.31 18.27
CA GLN D 181 6.16 -21.20 17.12
C GLN D 181 5.44 -20.51 15.97
N ASN D 182 6.08 -19.47 15.44
CA ASN D 182 5.48 -18.69 14.37
C ASN D 182 6.04 -19.11 13.03
N PHE D 183 5.18 -19.74 12.23
CA PHE D 183 5.56 -20.23 10.91
C PHE D 183 5.11 -19.31 9.78
N LEU D 184 6.02 -19.08 8.84
CA LEU D 184 5.70 -18.40 7.59
C LEU D 184 5.94 -19.39 6.44
N ASN D 185 4.84 -19.80 5.80
CA ASN D 185 4.85 -20.79 4.72
C ASN D 185 5.53 -22.11 5.12
N ASN D 186 5.05 -22.71 6.22
CA ASN D 186 5.55 -23.97 6.76
C ASN D 186 7.00 -23.95 7.30
N LYS D 187 7.59 -22.76 7.31
CA LYS D 187 8.97 -22.52 7.77
C LYS D 187 8.98 -21.70 9.09
N LEU D 188 9.82 -22.10 10.03
CA LEU D 188 9.95 -21.39 11.32
C LEU D 188 10.60 -20.00 11.20
N LYS D 189 9.94 -19.01 11.78
CA LYS D 189 10.40 -17.62 11.71
C LYS D 189 10.84 -17.01 13.06
N THR D 190 9.98 -17.13 14.07
CA THR D 190 10.17 -16.50 15.37
C THR D 190 9.40 -17.31 16.39
N ILE D 191 9.63 -17.03 17.68
CA ILE D 191 8.79 -17.65 18.71
C ILE D 191 8.18 -16.62 19.66
N THR D 192 7.03 -16.97 20.20
CA THR D 192 6.35 -16.18 21.20
C THR D 192 6.24 -17.05 22.45
N ALA D 193 6.91 -16.64 23.51
CA ALA D 193 6.83 -17.38 24.76
C ALA D 193 5.79 -16.76 25.69
N TYR D 194 4.89 -17.60 26.23
CA TYR D 194 3.89 -17.17 27.20
C TYR D 194 4.19 -17.71 28.59
N PHE D 195 3.93 -16.87 29.60
CA PHE D 195 4.12 -17.22 31.00
C PHE D 195 2.84 -16.92 31.77
N GLY D 196 2.67 -17.51 32.95
CA GLY D 196 1.51 -17.25 33.82
C GLY D 196 0.18 -17.65 33.24
N ASP D 197 -0.88 -16.88 33.54
CA ASP D 197 -2.24 -17.20 33.08
C ASP D 197 -2.45 -17.08 31.58
N LEU D 198 -1.42 -16.65 30.86
CA LEU D 198 -1.50 -16.51 29.39
C LEU D 198 -1.32 -17.84 28.66
N ILE D 199 -0.78 -18.83 29.38
CA ILE D 199 -0.55 -20.19 28.85
C ILE D 199 -1.85 -20.92 28.51
N ARG D 200 -1.84 -21.58 27.33
CA ARG D 200 -2.78 -22.63 26.88
C ARG D 200 -3.89 -22.12 25.98
#